data_5RLL
#
_entry.id   5RLL
#
_cell.length_a   59.279
_cell.length_b   70.220
_cell.length_c   85.490
_cell.angle_alpha   102.360
_cell.angle_beta   96.230
_cell.angle_gamma   112.600
#
_symmetry.space_group_name_H-M   'P 1'
#
loop_
_entity.id
_entity.type
_entity.pdbx_description
1 polymer Helicase
2 non-polymer 'ZINC ION'
3 non-polymer 'PHOSPHATE ION'
4 non-polymer 1-(2-ethoxyphenyl)piperazine
5 water water
#
_entity_poly.entity_id   1
_entity_poly.type   'polypeptide(L)'
_entity_poly.pdbx_seq_one_letter_code
;AVGACVLCNSQTSLRCGACIRRPFLCCKCCYDHVISTSHKLVLSVNPYVCNAPGCDVTDVTQLYLGGMSYYCKSHKPPIS
FPLCANGQVFGLYKNTCVGSDNVTDFNAIATCDWTNAGDYILANTCTERLKLFAAETLKATEETFKLSYGIATVREVLSD
RELHLSWEVGKPRPPLNRNYVFTGYRVTKNSKVQIGEYTFEKGDYGDAVVYRGTTTYKLNVGDYFVLTSHTVMPLSAPTL
VPQEHYVRITGLYPTLNISDEFSSNVANYQKVGMQKYSTLQGPPGTGKSHFAIGLALYYPSARIVYTACSHAAVDALCEK
ALKYLPIDKCSRIIPARARVECFDKFKVNSTLEQYVFCTVNALPETTADIVVFDEISMATNYDLSVVNARLRAKHYVYIG
DPAQLPAPRTLLTKGTLEPEYFNSVCRLMKTIGPDMFLGTCRRCPAEIVDTVSALVYDNKLKAHKDKSAQCFKMFYKGVI
THDVSSAINRPQIGVVREFLTRNPAWRKAVFISPYNSQNAVASKILGLPTQTVDSSQGSEYDYVIFTQTTETAHSCNVNR
FNVAITRAKVGILCIMSDRDLYDKLQFTSLEIPRRNVATLQ
;
_entity_poly.pdbx_strand_id   A,B
#
loop_
_chem_comp.id
_chem_comp.type
_chem_comp.name
_chem_comp.formula
H04 non-polymer 1-(2-ethoxyphenyl)piperazine 'C12 H18 N2 O'
PO4 non-polymer 'PHOSPHATE ION' 'O4 P -3'
ZN non-polymer 'ZINC ION' 'Zn 2'
#
# COMPACT_ATOMS: atom_id res chain seq x y z
N ALA A 1 5.55 19.91 -16.10
CA ALA A 1 6.40 21.04 -16.59
C ALA A 1 5.77 22.41 -16.27
N VAL A 2 4.46 22.49 -16.05
CA VAL A 2 3.74 23.73 -15.65
C VAL A 2 3.07 23.48 -14.29
N GLY A 3 3.54 24.17 -13.24
CA GLY A 3 3.10 24.00 -11.84
C GLY A 3 3.01 25.32 -11.09
N ALA A 4 3.05 25.26 -9.76
CA ALA A 4 2.82 26.38 -8.83
C ALA A 4 4.12 26.72 -8.08
N CYS A 5 4.38 28.01 -7.91
CA CYS A 5 5.60 28.59 -7.27
C CYS A 5 5.60 28.34 -5.75
N VAL A 6 6.56 27.54 -5.24
CA VAL A 6 6.57 27.05 -3.83
C VAL A 6 6.70 28.23 -2.85
N LEU A 7 6.73 29.48 -3.29
CA LEU A 7 6.91 30.63 -2.34
C LEU A 7 5.68 31.55 -2.35
N CYS A 8 5.08 31.82 -3.52
CA CYS A 8 3.89 32.70 -3.69
C CYS A 8 2.80 32.02 -4.52
N ASN A 9 2.96 30.73 -4.84
CA ASN A 9 1.92 29.87 -5.48
C ASN A 9 1.81 30.23 -6.97
N SER A 10 2.02 31.51 -7.33
CA SER A 10 1.93 32.07 -8.70
C SER A 10 2.28 30.97 -9.71
N GLN A 11 1.49 30.86 -10.79
CA GLN A 11 1.70 29.86 -11.87
C GLN A 11 3.04 30.18 -12.55
N THR A 12 3.80 29.17 -12.97
CA THR A 12 5.04 29.37 -13.78
C THR A 12 5.45 28.06 -14.47
N SER A 13 6.33 28.19 -15.46
CA SER A 13 6.98 27.08 -16.20
C SER A 13 8.35 26.79 -15.59
N LEU A 14 8.81 27.62 -14.64
CA LEU A 14 10.22 27.66 -14.15
C LEU A 14 10.39 26.78 -12.89
N ARG A 15 11.09 25.65 -13.05
CA ARG A 15 11.68 24.84 -11.95
C ARG A 15 13.16 25.26 -11.77
N CYS A 16 13.72 25.17 -10.55
CA CYS A 16 15.20 25.25 -10.33
C CYS A 16 15.82 23.85 -10.55
N GLY A 17 16.73 23.74 -11.51
CA GLY A 17 17.38 22.46 -11.84
C GLY A 17 18.54 22.21 -10.92
N ALA A 18 18.78 23.12 -9.97
CA ALA A 18 19.97 23.07 -9.08
C ALA A 18 19.53 22.66 -7.67
N CYS A 19 18.35 23.10 -7.22
CA CYS A 19 17.64 22.41 -6.08
C CYS A 19 17.48 20.91 -6.35
N ILE A 20 17.76 20.05 -5.34
CA ILE A 20 17.63 18.56 -5.42
C ILE A 20 16.16 18.15 -5.63
N ARG A 21 15.19 18.98 -5.21
CA ARG A 21 13.73 18.69 -5.36
C ARG A 21 13.13 19.34 -6.62
N ARG A 22 13.85 20.27 -7.26
CA ARG A 22 13.42 20.94 -8.53
C ARG A 22 12.07 21.61 -8.36
N PRO A 23 11.93 22.54 -7.39
CA PRO A 23 10.70 23.28 -7.18
C PRO A 23 10.39 24.29 -8.28
N PHE A 24 9.14 24.31 -8.74
CA PHE A 24 8.50 25.42 -9.50
C PHE A 24 8.77 26.74 -8.75
N LEU A 25 9.37 27.71 -9.45
CA LEU A 25 9.59 29.10 -8.94
C LEU A 25 8.98 30.08 -9.95
N CYS A 26 8.25 31.09 -9.45
CA CYS A 26 7.71 32.19 -10.28
C CYS A 26 8.87 33.09 -10.70
N CYS A 27 8.71 33.78 -11.82
CA CYS A 27 9.72 34.67 -12.44
C CYS A 27 10.32 35.63 -11.40
N LYS A 28 9.49 36.29 -10.57
CA LYS A 28 9.97 37.28 -9.55
C LYS A 28 10.81 36.58 -8.48
N CYS A 29 10.42 35.37 -8.06
CA CYS A 29 11.09 34.56 -7.00
C CYS A 29 12.27 33.79 -7.60
N CYS A 30 12.14 33.20 -8.80
CA CYS A 30 13.22 32.42 -9.49
C CYS A 30 14.46 33.29 -9.69
N TYR A 31 14.27 34.56 -10.03
CA TYR A 31 15.36 35.56 -10.09
C TYR A 31 16.04 35.61 -8.73
N ASP A 32 15.26 35.96 -7.69
CA ASP A 32 15.73 36.27 -6.31
C ASP A 32 16.52 35.07 -5.76
N HIS A 33 16.22 33.85 -6.22
CA HIS A 33 17.00 32.60 -5.95
C HIS A 33 18.36 32.65 -6.68
N VAL A 34 18.34 32.70 -8.02
CA VAL A 34 19.55 32.49 -8.88
C VAL A 34 20.53 33.65 -8.72
N ILE A 35 20.04 34.82 -8.35
CA ILE A 35 20.91 36.02 -8.22
C ILE A 35 21.62 36.06 -6.86
N SER A 36 21.25 35.19 -5.90
CA SER A 36 21.89 35.15 -4.54
C SER A 36 22.23 33.71 -4.09
N THR A 37 22.25 32.73 -5.00
CA THR A 37 22.73 31.35 -4.72
C THR A 37 23.61 30.84 -5.85
N SER A 38 24.42 29.81 -5.61
CA SER A 38 25.19 29.08 -6.65
C SER A 38 24.22 28.41 -7.65
N HIS A 39 22.91 28.50 -7.42
CA HIS A 39 21.86 27.83 -8.24
C HIS A 39 21.58 28.71 -9.47
N LYS A 40 22.03 28.26 -10.65
CA LYS A 40 21.92 29.06 -11.91
C LYS A 40 21.10 28.30 -12.96
N LEU A 41 21.05 26.96 -12.92
CA LEU A 41 20.27 26.17 -13.91
C LEU A 41 18.77 26.38 -13.64
N VAL A 42 18.06 26.92 -14.63
CA VAL A 42 16.58 27.07 -14.60
C VAL A 42 16.01 26.10 -15.65
N LEU A 43 14.97 25.35 -15.28
CA LEU A 43 14.27 24.39 -16.19
C LEU A 43 12.89 24.99 -16.53
N SER A 44 12.45 24.81 -17.78
CA SER A 44 11.10 25.08 -18.34
C SER A 44 10.70 23.82 -19.12
N VAL A 45 9.79 23.91 -20.08
CA VAL A 45 9.50 22.78 -21.02
C VAL A 45 10.85 22.22 -21.50
N ASN A 46 11.77 23.13 -21.80
CA ASN A 46 13.16 22.86 -22.23
C ASN A 46 14.08 23.57 -21.24
N PRO A 47 15.34 23.10 -21.08
CA PRO A 47 16.29 23.77 -20.19
C PRO A 47 16.75 25.13 -20.76
N TYR A 48 16.82 26.14 -19.90
CA TYR A 48 17.47 27.44 -20.16
C TYR A 48 18.98 27.21 -20.25
N VAL A 49 19.40 26.75 -21.42
CA VAL A 49 20.81 26.46 -21.79
C VAL A 49 21.05 27.11 -23.17
N CYS A 50 22.26 27.60 -23.43
CA CYS A 50 22.66 28.14 -24.76
C CYS A 50 22.38 27.08 -25.81
N ASN A 51 21.70 27.45 -26.88
CA ASN A 51 21.21 26.49 -27.92
C ASN A 51 22.25 26.33 -29.02
N ALA A 52 23.30 27.14 -29.03
CA ALA A 52 24.36 27.14 -30.05
C ALA A 52 25.05 25.77 -29.97
N PRO A 53 25.40 25.12 -31.10
CA PRO A 53 26.06 23.81 -31.02
C PRO A 53 27.36 23.89 -30.21
N GLY A 54 27.52 22.96 -29.25
CA GLY A 54 28.76 22.71 -28.50
C GLY A 54 29.07 23.78 -27.46
N CYS A 55 28.09 24.61 -27.13
CA CYS A 55 28.19 25.67 -26.10
C CYS A 55 27.70 25.09 -24.77
N ASP A 56 28.43 25.36 -23.68
CA ASP A 56 28.18 24.71 -22.36
C ASP A 56 27.65 25.73 -21.35
N VAL A 57 27.19 26.93 -21.78
CA VAL A 57 26.63 27.97 -20.85
C VAL A 57 25.22 27.55 -20.43
N THR A 58 25.04 27.24 -19.13
CA THR A 58 23.77 26.81 -18.49
C THR A 58 23.29 27.86 -17.48
N ASP A 59 24.13 28.84 -17.11
CA ASP A 59 23.83 29.89 -16.10
C ASP A 59 22.85 30.90 -16.69
N VAL A 60 21.62 30.92 -16.14
CA VAL A 60 20.45 31.74 -16.56
C VAL A 60 20.82 33.23 -16.63
N THR A 61 21.82 33.65 -15.86
CA THR A 61 22.24 35.08 -15.72
C THR A 61 23.09 35.48 -16.94
N GLN A 62 23.65 34.50 -17.66
CA GLN A 62 24.51 34.70 -18.86
C GLN A 62 23.74 34.34 -20.14
N LEU A 63 22.40 34.25 -20.09
CA LEU A 63 21.58 33.77 -21.25
C LEU A 63 20.56 34.83 -21.67
N TYR A 64 20.12 34.74 -22.93
CA TYR A 64 19.16 35.66 -23.57
C TYR A 64 18.16 34.83 -24.38
N LEU A 65 16.97 35.40 -24.56
CA LEU A 65 15.96 34.92 -25.54
C LEU A 65 16.29 35.46 -26.95
N GLY A 66 16.68 34.58 -27.88
CA GLY A 66 16.91 34.91 -29.30
C GLY A 66 15.80 34.36 -30.17
N GLY A 67 14.81 35.20 -30.49
CA GLY A 67 13.53 34.75 -31.05
C GLY A 67 12.77 33.94 -30.01
N MET A 68 12.62 32.63 -30.23
CA MET A 68 11.91 31.71 -29.31
C MET A 68 12.89 30.78 -28.60
N SER A 69 14.21 31.05 -28.71
CA SER A 69 15.33 30.16 -28.29
C SER A 69 16.30 30.93 -27.37
N TYR A 70 17.21 30.21 -26.72
CA TYR A 70 18.06 30.74 -25.62
C TYR A 70 19.50 30.63 -26.08
N TYR A 71 20.27 31.68 -25.83
CA TYR A 71 21.70 31.78 -26.23
C TYR A 71 22.45 32.56 -25.15
N CYS A 72 23.77 32.38 -25.07
CA CYS A 72 24.68 33.15 -24.19
C CYS A 72 25.07 34.49 -24.87
N LYS A 73 25.96 35.28 -24.24
CA LYS A 73 26.41 36.61 -24.76
C LYS A 73 27.16 36.42 -26.09
N SER A 74 27.89 35.28 -26.24
CA SER A 74 28.78 34.93 -27.37
C SER A 74 28.02 34.41 -28.59
N HIS A 75 26.73 34.04 -28.45
CA HIS A 75 25.91 33.38 -29.51
C HIS A 75 24.56 34.08 -29.72
N LYS A 76 24.18 35.05 -28.87
CA LYS A 76 22.85 35.71 -28.98
C LYS A 76 22.80 36.52 -30.27
N PRO A 77 21.61 36.58 -30.93
CA PRO A 77 21.43 37.43 -32.10
C PRO A 77 21.20 38.87 -31.64
N PRO A 78 21.44 39.88 -32.51
CA PRO A 78 21.31 41.28 -32.12
C PRO A 78 20.02 41.60 -31.35
N ILE A 79 18.87 41.08 -31.81
CA ILE A 79 17.55 41.29 -31.13
C ILE A 79 17.35 40.14 -30.12
N SER A 80 17.66 40.43 -28.84
CA SER A 80 17.60 39.48 -27.68
C SER A 80 17.53 40.23 -26.35
N PHE A 81 16.51 39.87 -25.54
CA PHE A 81 16.35 40.19 -24.09
C PHE A 81 17.18 39.24 -23.23
N PRO A 82 17.88 39.73 -22.18
CA PRO A 82 18.47 38.84 -21.18
C PRO A 82 17.38 38.15 -20.34
N LEU A 83 17.55 36.85 -20.09
CA LEU A 83 16.54 36.04 -19.35
C LEU A 83 16.35 36.62 -17.94
N CYS A 84 17.43 37.13 -17.35
CA CYS A 84 17.41 37.80 -16.02
C CYS A 84 17.40 39.30 -16.26
N ALA A 85 16.24 39.94 -16.10
CA ALA A 85 16.06 41.39 -16.21
C ALA A 85 15.06 41.84 -15.15
N ASN A 86 15.15 43.11 -14.71
CA ASN A 86 14.14 43.81 -13.86
C ASN A 86 13.53 42.80 -12.88
N GLY A 87 14.39 42.16 -12.07
CA GLY A 87 14.01 41.30 -10.93
C GLY A 87 13.22 40.06 -11.33
N GLN A 88 13.26 39.63 -12.59
CA GLN A 88 12.48 38.47 -13.08
C GLN A 88 13.37 37.59 -13.97
N VAL A 89 12.91 36.36 -14.23
CA VAL A 89 13.46 35.37 -15.20
C VAL A 89 12.34 35.10 -16.22
N PHE A 90 12.58 35.34 -17.51
CA PHE A 90 11.57 35.13 -18.57
C PHE A 90 11.05 33.68 -18.47
N GLY A 91 9.74 33.51 -18.39
CA GLY A 91 9.05 32.21 -18.57
C GLY A 91 7.65 32.42 -19.11
N LEU A 92 6.64 31.86 -18.42
CA LEU A 92 5.21 32.09 -18.74
C LEU A 92 4.55 32.78 -17.55
N TYR A 93 3.36 33.35 -17.78
CA TYR A 93 2.43 33.90 -16.75
C TYR A 93 3.09 35.05 -15.95
N LYS A 94 4.17 35.63 -16.48
CA LYS A 94 4.99 36.70 -15.82
C LYS A 94 4.05 37.85 -15.41
N VAL A 103 12.22 34.81 0.51
CA VAL A 103 13.10 34.04 -0.41
C VAL A 103 14.50 33.87 0.21
N THR A 104 15.00 34.86 0.98
CA THR A 104 16.19 34.69 1.86
C THR A 104 16.12 33.29 2.51
N ASP A 105 14.98 32.97 3.14
CA ASP A 105 14.72 31.70 3.87
C ASP A 105 14.70 30.52 2.88
N PHE A 106 14.06 30.67 1.72
CA PHE A 106 14.04 29.62 0.66
C PHE A 106 15.48 29.30 0.21
N ASN A 107 16.33 30.33 0.09
CA ASN A 107 17.72 30.20 -0.41
C ASN A 107 18.52 29.34 0.57
N ALA A 108 18.39 29.63 1.87
CA ALA A 108 19.07 28.92 2.97
C ALA A 108 18.63 27.46 3.04
N ILE A 109 17.35 27.16 2.76
CA ILE A 109 16.83 25.76 2.78
C ILE A 109 17.34 25.00 1.55
N ALA A 110 17.33 25.67 0.39
CA ALA A 110 17.68 25.09 -0.93
C ALA A 110 19.15 24.62 -0.97
N THR A 111 20.04 25.36 -0.30
CA THR A 111 21.52 25.25 -0.42
C THR A 111 22.19 24.63 0.82
N CYS A 112 21.51 24.50 1.97
CA CYS A 112 22.11 23.98 3.24
C CYS A 112 22.32 22.46 3.16
N ASP A 113 23.32 21.94 3.88
CA ASP A 113 23.69 20.50 3.91
C ASP A 113 22.97 19.76 5.04
N TRP A 114 22.27 20.47 5.95
CA TRP A 114 21.42 19.89 7.03
C TRP A 114 22.30 19.26 8.13
N THR A 115 23.49 19.80 8.37
CA THR A 115 24.46 19.31 9.37
C THR A 115 24.44 20.27 10.56
N ASN A 116 23.82 21.44 10.41
CA ASN A 116 23.74 22.51 11.43
C ASN A 116 22.32 22.54 12.00
N ALA A 117 22.18 22.82 13.30
CA ALA A 117 20.90 23.04 14.00
C ALA A 117 20.09 24.17 13.34
N GLY A 118 20.73 25.32 13.07
CA GLY A 118 20.12 26.49 12.40
C GLY A 118 19.36 26.12 11.14
N ASP A 119 19.73 25.00 10.51
CA ASP A 119 19.03 24.49 9.31
C ASP A 119 17.63 24.04 9.74
N TYR A 120 17.55 23.28 10.84
CA TYR A 120 16.28 22.66 11.32
C TYR A 120 15.44 23.78 11.93
N ILE A 121 16.11 24.76 12.55
CA ILE A 121 15.42 25.92 13.15
C ILE A 121 14.59 26.58 12.07
N LEU A 122 15.26 26.98 10.99
CA LEU A 122 14.69 27.65 9.80
C LEU A 122 13.64 26.75 9.11
N ALA A 123 13.83 25.43 9.03
CA ALA A 123 12.82 24.49 8.45
C ALA A 123 11.55 24.41 9.31
N ASN A 124 11.46 25.19 10.40
CA ASN A 124 10.36 25.07 11.39
C ASN A 124 9.86 26.46 11.83
N THR A 125 10.57 27.53 11.49
CA THR A 125 10.13 28.93 11.72
C THR A 125 9.62 29.53 10.41
N CYS A 126 9.83 28.86 9.28
CA CYS A 126 9.48 29.37 7.91
C CYS A 126 7.96 29.27 7.69
N THR A 127 7.48 29.76 6.54
CA THR A 127 6.09 29.59 6.02
C THR A 127 5.80 28.09 5.84
N GLU A 128 4.52 27.75 5.69
CA GLU A 128 4.00 26.36 5.68
C GLU A 128 4.43 25.65 4.40
N ARG A 129 4.39 26.33 3.25
CA ARG A 129 4.82 25.66 1.98
C ARG A 129 6.34 25.45 2.02
N LEU A 130 7.08 26.35 2.70
CA LEU A 130 8.55 26.21 2.83
C LEU A 130 8.91 25.10 3.81
N LYS A 131 8.06 24.84 4.81
CA LYS A 131 8.23 23.69 5.74
C LYS A 131 8.18 22.39 4.92
N LEU A 132 7.36 22.35 3.87
CA LEU A 132 7.21 21.10 3.07
C LEU A 132 8.42 20.92 2.15
N PHE A 133 8.94 22.04 1.61
CA PHE A 133 10.10 22.06 0.68
C PHE A 133 11.30 21.58 1.49
N ALA A 134 11.49 22.25 2.64
CA ALA A 134 12.47 21.90 3.72
C ALA A 134 12.39 20.40 4.04
N ALA A 135 11.23 19.90 4.44
CA ALA A 135 11.05 18.50 4.88
C ALA A 135 11.40 17.53 3.74
N GLU A 136 11.04 17.89 2.49
CA GLU A 136 11.31 17.08 1.28
C GLU A 136 12.81 17.04 1.00
N THR A 137 13.44 18.21 1.12
CA THR A 137 14.86 18.43 0.77
C THR A 137 15.70 17.62 1.76
N LEU A 138 15.40 17.83 3.05
CA LEU A 138 16.08 17.14 4.17
C LEU A 138 16.01 15.62 3.93
N LYS A 139 14.80 15.09 3.75
CA LYS A 139 14.63 13.62 3.63
C LYS A 139 15.42 13.12 2.41
N ALA A 140 15.43 13.88 1.31
CA ALA A 140 16.14 13.51 0.07
C ALA A 140 17.64 13.47 0.37
N THR A 141 18.14 14.55 0.97
CA THR A 141 19.56 14.66 1.44
C THR A 141 19.89 13.48 2.35
N GLU A 142 19.00 13.17 3.31
CA GLU A 142 19.22 12.07 4.29
C GLU A 142 19.44 10.76 3.52
N GLU A 143 18.70 10.52 2.44
CA GLU A 143 18.71 9.22 1.70
C GLU A 143 19.97 9.13 0.81
N THR A 144 20.33 10.21 0.11
CA THR A 144 21.51 10.26 -0.81
C THR A 144 22.82 10.27 0.01
N PHE A 145 22.74 10.40 1.34
CA PHE A 145 23.89 10.22 2.25
C PHE A 145 24.11 8.73 2.51
N LYS A 146 23.03 7.93 2.59
CA LYS A 146 23.11 6.47 2.92
C LYS A 146 23.96 5.74 1.87
N LEU A 147 23.98 6.24 0.63
CA LEU A 147 24.78 5.66 -0.50
C LEU A 147 26.27 5.83 -0.21
N SER A 148 26.64 6.86 0.56
CA SER A 148 28.04 7.27 0.85
C SER A 148 28.75 6.24 1.73
N TYR A 149 28.00 5.42 2.47
CA TYR A 149 28.53 4.36 3.36
C TYR A 149 29.01 3.17 2.51
N GLY A 150 29.79 2.28 3.13
CA GLY A 150 30.43 1.10 2.49
C GLY A 150 29.61 -0.16 2.66
N ILE A 151 29.69 -1.07 1.69
CA ILE A 151 28.98 -2.38 1.68
C ILE A 151 29.66 -3.29 2.70
N ALA A 152 28.92 -4.19 3.35
CA ALA A 152 29.41 -5.20 4.31
C ALA A 152 29.19 -6.61 3.74
N THR A 153 30.27 -7.27 3.34
CA THR A 153 30.27 -8.67 2.84
C THR A 153 30.73 -9.56 4.01
N VAL A 154 30.01 -10.67 4.25
CA VAL A 154 30.23 -11.63 5.36
C VAL A 154 31.48 -12.48 5.04
N ARG A 155 32.44 -12.53 5.97
CA ARG A 155 33.69 -13.33 5.86
C ARG A 155 33.44 -14.74 6.43
N GLU A 156 32.89 -14.83 7.65
CA GLU A 156 32.71 -16.11 8.40
C GLU A 156 31.44 -16.09 9.27
N VAL A 157 30.62 -17.14 9.20
CA VAL A 157 29.38 -17.36 10.02
C VAL A 157 29.78 -18.16 11.27
N LEU A 158 29.83 -17.52 12.44
CA LEU A 158 30.15 -18.21 13.72
C LEU A 158 28.94 -19.06 14.12
N SER A 159 27.76 -18.46 14.23
CA SER A 159 26.57 -19.10 14.83
C SER A 159 25.28 -18.55 14.21
N ASP A 160 24.19 -18.63 14.98
CA ASP A 160 22.81 -18.21 14.63
C ASP A 160 22.57 -16.76 15.07
N ARG A 161 23.51 -16.14 15.79
CA ARG A 161 23.40 -14.75 16.30
C ARG A 161 24.77 -14.05 16.36
N GLU A 162 25.77 -14.49 15.60
CA GLU A 162 27.12 -13.86 15.54
C GLU A 162 27.79 -14.14 14.18
N LEU A 163 28.51 -13.16 13.65
CA LEU A 163 29.37 -13.32 12.43
C LEU A 163 30.51 -12.30 12.43
N HIS A 164 31.47 -12.50 11.52
CA HIS A 164 32.63 -11.61 11.21
C HIS A 164 32.36 -10.91 9.87
N LEU A 165 32.50 -9.57 9.80
CA LEU A 165 32.14 -8.76 8.60
C LEU A 165 33.38 -8.13 7.95
N SER A 166 33.36 -8.08 6.61
CA SER A 166 34.38 -7.43 5.74
C SER A 166 33.76 -6.17 5.10
N TRP A 167 34.28 -5.00 5.46
CA TRP A 167 33.76 -3.65 5.09
C TRP A 167 34.48 -3.09 3.86
N GLU A 168 33.75 -2.36 3.01
CA GLU A 168 34.25 -1.77 1.74
C GLU A 168 35.34 -0.74 2.04
N VAL A 169 36.46 -0.80 1.31
CA VAL A 169 37.63 0.11 1.45
C VAL A 169 37.29 1.46 0.79
N GLY A 170 37.68 2.57 1.43
CA GLY A 170 37.52 3.95 0.91
C GLY A 170 36.24 4.63 1.40
N LYS A 171 35.16 3.85 1.60
CA LYS A 171 33.81 4.34 2.01
C LYS A 171 33.60 4.09 3.50
N PRO A 172 33.14 5.10 4.28
CA PRO A 172 33.01 4.99 5.73
C PRO A 172 32.10 3.83 6.18
N ARG A 173 32.15 3.49 7.48
CA ARG A 173 31.38 2.38 8.09
C ARG A 173 30.26 2.96 8.97
N PRO A 174 28.98 2.64 8.69
CA PRO A 174 27.87 3.22 9.44
C PRO A 174 27.84 2.73 10.89
N PRO A 175 27.33 3.55 11.83
CA PRO A 175 27.17 3.13 13.21
C PRO A 175 26.42 1.78 13.25
N LEU A 176 26.91 0.80 14.01
CA LEU A 176 26.33 -0.57 14.07
C LEU A 176 25.41 -0.71 15.29
N ASN A 177 24.25 -0.06 15.25
CA ASN A 177 23.20 -0.09 16.32
C ASN A 177 21.89 -0.56 15.68
N ARG A 178 20.78 -0.53 16.44
CA ARG A 178 19.41 -0.88 15.95
C ARG A 178 18.84 0.26 15.09
N ASN A 179 19.42 1.46 15.17
CA ASN A 179 18.98 2.69 14.45
C ASN A 179 19.26 2.56 12.94
N TYR A 180 20.32 1.84 12.56
CA TYR A 180 20.76 1.63 11.15
C TYR A 180 20.37 0.23 10.70
N VAL A 181 19.26 0.14 9.94
CA VAL A 181 18.69 -1.17 9.46
C VAL A 181 19.19 -1.39 8.03
N PHE A 182 19.92 -2.49 7.82
CA PHE A 182 20.51 -2.90 6.53
C PHE A 182 19.48 -3.73 5.77
N THR A 183 19.66 -3.87 4.46
CA THR A 183 18.95 -4.85 3.61
C THR A 183 20.00 -5.82 3.08
N GLY A 184 19.83 -7.11 3.37
CA GLY A 184 20.70 -8.21 2.91
C GLY A 184 20.24 -8.73 1.57
N TYR A 185 21.17 -9.27 0.77
CA TYR A 185 20.94 -9.71 -0.64
C TYR A 185 21.81 -10.93 -0.95
N GLN A 194 17.20 -10.63 -1.90
CA GLN A 194 16.49 -9.69 -0.99
C GLN A 194 16.16 -10.40 0.33
N ILE A 195 17.19 -10.91 1.03
CA ILE A 195 17.06 -11.88 2.16
C ILE A 195 16.60 -11.15 3.43
N GLY A 196 15.79 -10.08 3.30
CA GLY A 196 15.12 -9.41 4.41
C GLY A 196 16.05 -8.46 5.17
N GLU A 197 15.46 -7.51 5.91
CA GLU A 197 16.19 -6.46 6.68
C GLU A 197 16.96 -7.11 7.83
N TYR A 198 18.09 -6.50 8.23
CA TYR A 198 19.05 -7.02 9.25
C TYR A 198 19.67 -5.85 10.03
N THR A 199 19.94 -6.03 11.33
CA THR A 199 20.67 -5.08 12.21
C THR A 199 21.85 -5.81 12.88
N PHE A 200 22.76 -5.05 13.51
CA PHE A 200 24.04 -5.52 14.13
C PHE A 200 24.33 -4.79 15.45
N GLU A 201 25.11 -5.44 16.32
CA GLU A 201 25.63 -4.91 17.62
C GLU A 201 27.04 -5.48 17.87
N LYS A 202 27.98 -4.69 18.40
CA LYS A 202 29.35 -5.13 18.77
C LYS A 202 29.32 -5.81 20.14
N ASP A 207 36.70 -9.62 17.19
CA ASP A 207 36.11 -9.25 15.87
C ASP A 207 34.73 -9.91 15.69
N ALA A 208 33.99 -10.15 16.78
CA ALA A 208 32.69 -10.86 16.77
C ALA A 208 31.56 -9.81 16.85
N VAL A 209 30.70 -9.76 15.82
CA VAL A 209 29.55 -8.81 15.73
C VAL A 209 28.23 -9.61 15.74
N VAL A 210 27.22 -9.08 16.43
CA VAL A 210 25.90 -9.74 16.74
C VAL A 210 24.89 -9.36 15.64
N TYR A 211 24.42 -10.36 14.86
CA TYR A 211 23.58 -10.17 13.64
C TYR A 211 22.13 -10.61 13.91
N ARG A 212 21.16 -9.72 13.65
CA ARG A 212 19.72 -9.95 13.94
C ARG A 212 18.90 -9.65 12.68
N GLY A 213 18.32 -10.70 12.05
CA GLY A 213 17.56 -10.58 10.79
C GLY A 213 16.06 -10.57 11.02
N THR A 214 15.33 -9.78 10.22
CA THR A 214 13.84 -9.69 10.23
C THR A 214 13.25 -10.97 9.61
N THR A 215 14.12 -11.83 9.07
CA THR A 215 13.79 -13.21 8.62
C THR A 215 14.87 -14.15 9.18
N THR A 216 14.49 -15.38 9.59
CA THR A 216 15.44 -16.43 10.05
C THR A 216 16.02 -17.14 8.83
N TYR A 217 17.18 -16.70 8.34
CA TYR A 217 17.81 -17.18 7.07
C TYR A 217 19.23 -17.68 7.32
N LYS A 218 19.60 -18.77 6.64
CA LYS A 218 20.96 -19.38 6.65
C LYS A 218 21.95 -18.36 6.08
N LEU A 219 22.39 -17.40 6.91
CA LEU A 219 23.27 -16.24 6.55
C LEU A 219 24.59 -16.77 5.97
N ASN A 220 24.69 -16.84 4.63
CA ASN A 220 25.81 -17.46 3.88
C ASN A 220 27.04 -16.56 3.97
N VAL A 221 28.24 -17.13 3.76
CA VAL A 221 29.53 -16.39 3.55
C VAL A 221 29.52 -15.84 2.12
N GLY A 222 29.78 -14.53 1.97
CA GLY A 222 29.76 -13.84 0.67
C GLY A 222 28.45 -13.10 0.40
N ASP A 223 27.38 -13.41 1.15
CA ASP A 223 26.14 -12.58 1.20
C ASP A 223 26.58 -11.16 1.60
N TYR A 224 25.84 -10.13 1.19
CA TYR A 224 26.20 -8.71 1.45
C TYR A 224 24.96 -7.92 1.89
N PHE A 225 25.19 -6.78 2.54
CA PHE A 225 24.15 -5.85 3.06
C PHE A 225 24.40 -4.43 2.52
N VAL A 226 23.32 -3.64 2.40
CA VAL A 226 23.35 -2.19 2.04
C VAL A 226 22.16 -1.52 2.75
N LEU A 227 22.33 -0.28 3.23
CA LEU A 227 21.26 0.48 3.93
C LEU A 227 20.13 0.78 2.95
N THR A 228 18.88 0.51 3.37
CA THR A 228 17.65 0.62 2.54
C THR A 228 17.39 2.09 2.21
N SER A 229 17.96 2.57 1.10
CA SER A 229 17.76 3.95 0.56
C SER A 229 16.43 4.01 -0.20
N HIS A 230 15.38 4.59 0.42
CA HIS A 230 14.00 4.68 -0.13
C HIS A 230 13.83 6.01 -0.88
N THR A 231 12.95 6.02 -1.89
CA THR A 231 12.70 7.23 -2.74
C THR A 231 11.72 8.14 -2.02
N VAL A 232 12.11 9.42 -1.88
CA VAL A 232 11.33 10.48 -1.18
C VAL A 232 10.26 11.00 -2.14
N MET A 233 9.01 10.61 -1.91
CA MET A 233 7.82 11.15 -2.61
C MET A 233 7.64 12.61 -2.20
N PRO A 234 7.03 13.44 -3.06
CA PRO A 234 6.75 14.83 -2.71
C PRO A 234 5.60 14.97 -1.69
N LEU A 235 5.65 16.04 -0.91
CA LEU A 235 4.61 16.42 0.07
C LEU A 235 3.64 17.32 -0.69
N SER A 236 2.37 17.31 -0.28
CA SER A 236 1.27 18.14 -0.83
C SER A 236 0.50 18.81 0.30
N ALA A 237 0.13 18.03 1.33
CA ALA A 237 -0.67 18.47 2.48
C ALA A 237 0.22 19.24 3.45
N PRO A 238 -0.30 20.24 4.17
CA PRO A 238 0.48 20.93 5.20
C PRO A 238 0.87 20.00 6.36
N THR A 239 1.76 20.49 7.24
CA THR A 239 2.15 19.81 8.51
C THR A 239 0.91 19.81 9.41
N LEU A 240 0.32 21.00 9.55
CA LEU A 240 -0.91 21.33 10.31
C LEU A 240 -1.94 21.95 9.36
N VAL A 241 -3.11 21.35 9.20
CA VAL A 241 -4.26 22.00 8.52
C VAL A 241 -4.53 23.32 9.24
N PRO A 242 -5.16 24.33 8.59
CA PRO A 242 -5.40 25.61 9.24
C PRO A 242 -6.29 25.32 10.45
N GLN A 243 -6.16 26.11 11.53
CA GLN A 243 -6.99 25.92 12.75
C GLN A 243 -8.42 26.37 12.45
N GLU A 244 -9.40 25.64 12.97
CA GLU A 244 -10.84 26.05 13.00
C GLU A 244 -11.37 25.91 14.43
N HIS A 245 -11.88 27.00 15.00
CA HIS A 245 -12.59 27.03 16.30
C HIS A 245 -14.10 27.00 16.04
N TYR A 246 -14.80 26.06 16.68
CA TYR A 246 -16.27 25.89 16.57
C TYR A 246 -16.89 26.44 17.87
N VAL A 247 -18.21 26.61 17.85
CA VAL A 247 -19.03 27.12 18.99
C VAL A 247 -19.66 25.91 19.72
N ARG A 248 -19.75 24.77 19.04
CA ARG A 248 -20.36 23.52 19.53
C ARG A 248 -19.58 22.34 18.95
N ILE A 249 -19.60 21.21 19.68
CA ILE A 249 -18.91 19.95 19.28
C ILE A 249 -19.39 19.59 17.87
N THR A 250 -18.44 19.52 16.94
CA THR A 250 -18.70 19.42 15.47
C THR A 250 -18.44 17.97 15.02
N GLY A 251 -19.46 17.31 14.46
CA GLY A 251 -19.33 16.00 13.80
C GLY A 251 -19.14 14.84 14.77
N LEU A 252 -19.21 15.09 16.08
CA LEU A 252 -19.02 14.07 17.13
C LEU A 252 -20.25 14.10 18.04
N TYR A 253 -20.61 12.95 18.63
CA TYR A 253 -21.82 12.76 19.49
C TYR A 253 -21.41 12.16 20.82
N PRO A 254 -21.30 13.00 21.88
CA PRO A 254 -20.83 12.55 23.19
C PRO A 254 -21.86 11.65 23.93
N THR A 255 -21.39 10.75 24.81
CA THR A 255 -22.25 10.06 25.82
C THR A 255 -22.54 11.01 26.99
N LEU A 256 -23.69 10.79 27.62
CA LEU A 256 -24.08 11.31 28.97
C LEU A 256 -23.66 10.24 30.00
N ASN A 257 -23.50 9.01 29.52
CA ASN A 257 -23.01 7.82 30.26
C ASN A 257 -21.52 7.60 29.94
N ILE A 258 -20.63 8.22 30.72
CA ILE A 258 -19.13 8.12 30.58
C ILE A 258 -18.53 7.72 31.93
N SER A 259 -17.87 6.55 31.99
CA SER A 259 -17.41 5.92 33.25
C SER A 259 -16.47 6.89 34.00
N ASP A 260 -16.63 7.00 35.33
CA ASP A 260 -15.90 7.91 36.24
C ASP A 260 -14.39 7.82 35.99
N GLU A 261 -13.93 6.68 35.45
CA GLU A 261 -12.50 6.39 35.13
C GLU A 261 -11.94 7.44 34.16
N PHE A 262 -12.78 8.00 33.29
CA PHE A 262 -12.42 8.99 32.22
C PHE A 262 -13.11 10.34 32.48
N SER A 263 -13.68 10.55 33.68
CA SER A 263 -14.39 11.79 34.10
C SER A 263 -13.44 13.01 34.16
N SER A 264 -12.17 12.76 34.47
CA SER A 264 -11.11 13.81 34.55
C SER A 264 -10.99 14.50 33.19
N ASN A 265 -11.14 13.75 32.09
CA ASN A 265 -10.80 14.19 30.70
C ASN A 265 -12.04 14.65 29.90
N VAL A 266 -13.21 14.85 30.55
CA VAL A 266 -14.46 15.17 29.79
C VAL A 266 -14.33 16.59 29.22
N ALA A 267 -13.84 17.55 30.01
CA ALA A 267 -13.70 18.97 29.59
C ALA A 267 -12.72 19.06 28.41
N ASN A 268 -11.65 18.26 28.43
CA ASN A 268 -10.64 18.19 27.34
C ASN A 268 -11.22 17.50 26.10
N TYR A 269 -12.07 16.50 26.29
CA TYR A 269 -12.73 15.75 25.19
C TYR A 269 -13.67 16.69 24.43
N GLN A 270 -14.25 17.68 25.11
CA GLN A 270 -15.20 18.69 24.57
C GLN A 270 -14.43 19.81 23.86
N LYS A 271 -13.19 20.10 24.30
CA LYS A 271 -12.23 20.98 23.57
C LYS A 271 -11.89 20.33 22.22
N VAL A 272 -11.56 19.03 22.23
CA VAL A 272 -11.19 18.22 21.02
C VAL A 272 -12.28 18.37 19.95
N GLY A 273 -13.56 18.39 20.34
CA GLY A 273 -14.74 18.47 19.44
C GLY A 273 -15.04 19.89 18.96
N MET A 274 -14.55 20.90 19.67
CA MET A 274 -14.81 22.33 19.37
C MET A 274 -13.59 23.01 18.71
N GLN A 275 -12.70 22.23 18.08
CA GLN A 275 -11.50 22.73 17.33
C GLN A 275 -11.19 21.72 16.22
N LYS A 276 -10.44 22.12 15.19
CA LYS A 276 -10.04 21.24 14.07
C LYS A 276 -8.94 20.29 14.56
N TYR A 277 -7.88 20.86 15.12
CA TYR A 277 -6.76 20.09 15.73
C TYR A 277 -6.55 20.61 17.15
N SER A 278 -6.19 19.70 18.06
CA SER A 278 -5.80 20.04 19.45
C SER A 278 -4.43 19.41 19.78
N THR A 279 -3.68 20.09 20.66
CA THR A 279 -2.36 19.65 21.19
C THR A 279 -2.48 19.24 22.66
N LEU A 280 -2.04 18.01 22.99
CA LEU A 280 -1.92 17.51 24.38
C LEU A 280 -0.44 17.25 24.77
N GLN A 281 0.09 18.06 25.70
CA GLN A 281 1.36 17.79 26.41
C GLN A 281 1.09 16.96 27.67
N GLY A 282 1.50 15.69 27.62
CA GLY A 282 1.44 14.74 28.73
C GLY A 282 2.84 14.25 29.12
N PRO A 283 3.49 14.89 30.13
CA PRO A 283 4.68 14.35 30.76
C PRO A 283 4.52 12.88 31.07
N PRO A 284 5.63 12.17 31.38
CA PRO A 284 5.58 10.72 31.55
C PRO A 284 4.58 10.31 32.64
N GLY A 285 3.77 9.29 32.32
CA GLY A 285 2.81 8.64 33.26
C GLY A 285 1.71 9.57 33.71
N THR A 286 1.26 10.50 32.84
CA THR A 286 0.21 11.52 33.17
C THR A 286 -1.13 11.13 32.53
N GLY A 287 -1.17 10.01 31.81
CA GLY A 287 -2.42 9.47 31.25
C GLY A 287 -2.66 9.88 29.79
N LYS A 288 -1.62 9.84 28.93
CA LYS A 288 -1.77 10.05 27.46
C LYS A 288 -2.57 8.87 26.91
N SER A 289 -2.10 7.64 27.09
CA SER A 289 -2.72 6.43 26.50
C SER A 289 -4.19 6.40 26.93
N HIS A 290 -4.42 6.69 28.22
CA HIS A 290 -5.74 6.71 28.89
C HIS A 290 -6.62 7.75 28.19
N PHE A 291 -6.07 8.92 27.92
CA PHE A 291 -6.79 10.03 27.24
C PHE A 291 -7.15 9.67 25.80
N ALA A 292 -6.18 9.12 25.06
CA ALA A 292 -6.36 8.64 23.68
C ALA A 292 -7.55 7.69 23.61
N ILE A 293 -7.51 6.58 24.36
CA ILE A 293 -8.58 5.52 24.36
C ILE A 293 -9.85 6.09 24.98
N GLY A 294 -9.73 6.99 25.94
CA GLY A 294 -10.91 7.58 26.62
C GLY A 294 -11.70 8.48 25.70
N LEU A 295 -11.08 8.88 24.59
CA LEU A 295 -11.70 9.77 23.58
C LEU A 295 -12.77 8.95 22.84
N ALA A 296 -12.46 7.70 22.54
CA ALA A 296 -13.33 6.72 21.82
C ALA A 296 -14.59 6.42 22.65
N LEU A 297 -14.44 6.22 23.96
CA LEU A 297 -15.56 5.91 24.90
C LEU A 297 -16.43 7.16 25.12
N TYR A 298 -15.91 8.36 24.89
CA TYR A 298 -16.68 9.62 25.06
C TYR A 298 -17.40 10.00 23.75
N TYR A 299 -16.77 9.72 22.61
CA TYR A 299 -17.41 9.79 21.26
C TYR A 299 -17.53 8.38 20.73
N PRO A 300 -18.51 7.59 21.24
CA PRO A 300 -18.55 6.14 20.98
C PRO A 300 -18.89 5.72 19.54
N SER A 301 -19.55 6.60 18.77
CA SER A 301 -19.95 6.38 17.35
C SER A 301 -18.78 6.72 16.41
N ALA A 302 -17.95 7.68 16.81
CA ALA A 302 -16.82 8.27 16.04
C ALA A 302 -15.86 7.18 15.56
N ARG A 303 -15.37 7.30 14.33
CA ARG A 303 -14.32 6.42 13.75
C ARG A 303 -12.98 7.10 14.05
N ILE A 304 -12.06 6.37 14.67
CA ILE A 304 -10.78 6.95 15.16
C ILE A 304 -9.63 6.16 14.55
N VAL A 305 -8.71 6.88 13.91
CA VAL A 305 -7.42 6.31 13.44
C VAL A 305 -6.34 6.76 14.43
N TYR A 306 -5.72 5.77 15.05
CA TYR A 306 -4.61 5.91 16.03
C TYR A 306 -3.30 5.68 15.26
N THR A 307 -2.44 6.71 15.24
CA THR A 307 -1.18 6.69 14.45
C THR A 307 -0.04 7.30 15.27
N ALA A 308 1.15 6.73 15.08
CA ALA A 308 2.48 7.18 15.56
C ALA A 308 3.54 6.73 14.56
N CYS A 309 4.77 7.24 14.66
CA CYS A 309 5.87 6.88 13.73
C CYS A 309 6.32 5.43 13.97
N SER A 310 6.55 5.03 15.22
CA SER A 310 7.11 3.69 15.57
C SER A 310 6.01 2.63 15.70
N HIS A 311 6.37 1.37 15.50
CA HIS A 311 5.49 0.19 15.75
C HIS A 311 5.19 0.10 17.26
N ALA A 312 6.19 0.38 18.12
CA ALA A 312 6.06 0.32 19.59
C ALA A 312 4.94 1.27 20.07
N ALA A 313 4.91 2.51 19.61
CA ALA A 313 3.90 3.50 20.06
C ALA A 313 2.50 3.06 19.62
N VAL A 314 2.38 2.45 18.43
CA VAL A 314 1.06 2.02 17.88
C VAL A 314 0.58 0.78 18.65
N ASP A 315 1.50 -0.15 18.97
CA ASP A 315 1.28 -1.37 19.81
C ASP A 315 0.90 -0.98 21.25
N ALA A 316 1.53 0.04 21.83
CA ALA A 316 1.15 0.58 23.16
C ALA A 316 -0.32 1.05 23.12
N LEU A 317 -0.71 1.83 22.11
CA LEU A 317 -2.11 2.32 21.99
C LEU A 317 -3.07 1.12 21.83
N CYS A 318 -2.60 0.03 21.21
CA CYS A 318 -3.38 -1.22 20.97
C CYS A 318 -3.68 -1.91 22.32
N GLU A 319 -2.64 -2.11 23.13
CA GLU A 319 -2.76 -2.66 24.50
C GLU A 319 -3.84 -1.89 25.24
N LYS A 320 -3.79 -0.55 25.24
CA LYS A 320 -4.78 0.27 25.97
C LYS A 320 -6.17 0.08 25.35
N ALA A 321 -6.29 -0.07 24.03
CA ALA A 321 -7.60 -0.24 23.34
C ALA A 321 -8.19 -1.61 23.69
N LEU A 322 -7.34 -2.65 23.69
CA LEU A 322 -7.73 -4.04 24.05
C LEU A 322 -8.47 -4.05 25.40
N LYS A 323 -8.06 -3.20 26.34
CA LYS A 323 -8.59 -3.15 27.73
C LYS A 323 -9.97 -2.48 27.78
N TYR A 324 -10.31 -1.56 26.86
CA TYR A 324 -11.51 -0.68 27.01
C TYR A 324 -12.41 -0.65 25.78
N LEU A 325 -11.91 -0.99 24.60
CA LEU A 325 -12.69 -0.88 23.33
C LEU A 325 -12.96 -2.27 22.78
N PRO A 326 -14.13 -2.51 22.15
CA PRO A 326 -14.49 -3.85 21.67
C PRO A 326 -13.58 -4.37 20.55
N ILE A 327 -12.96 -5.54 20.75
CA ILE A 327 -11.90 -6.15 19.89
C ILE A 327 -12.39 -6.37 18.44
N ASP A 328 -13.71 -6.42 18.22
CA ASP A 328 -14.31 -6.77 16.91
C ASP A 328 -14.37 -5.53 16.00
N LYS A 329 -14.22 -4.31 16.54
CA LYS A 329 -14.18 -3.05 15.75
C LYS A 329 -12.78 -2.42 15.83
N CYS A 330 -11.75 -3.24 16.08
CA CYS A 330 -10.33 -2.81 16.13
C CYS A 330 -9.52 -3.59 15.08
N SER A 331 -8.75 -2.88 14.27
CA SER A 331 -7.83 -3.45 13.26
C SER A 331 -6.44 -2.84 13.41
N ARG A 332 -5.41 -3.69 13.41
CA ARG A 332 -3.96 -3.31 13.40
C ARG A 332 -3.46 -3.44 11.96
N ILE A 333 -3.09 -2.31 11.32
CA ILE A 333 -2.64 -2.24 9.90
C ILE A 333 -1.16 -2.58 9.88
N ILE A 334 -0.78 -3.63 9.14
CA ILE A 334 0.60 -4.16 9.06
C ILE A 334 1.02 -4.14 7.58
N PRO A 335 2.07 -3.37 7.21
CA PRO A 335 2.52 -3.35 5.82
C PRO A 335 3.15 -4.70 5.45
N ALA A 336 2.82 -5.20 4.25
CA ALA A 336 3.23 -6.51 3.69
C ALA A 336 4.72 -6.76 3.90
N ARG A 337 5.56 -5.73 3.79
CA ARG A 337 7.02 -5.78 4.09
C ARG A 337 7.20 -5.66 5.60
N ALA A 338 7.08 -6.79 6.31
CA ALA A 338 7.09 -6.91 7.79
C ALA A 338 8.54 -6.83 8.32
N ARG A 339 8.81 -5.85 9.19
CA ARG A 339 10.18 -5.45 9.64
C ARG A 339 10.39 -5.83 11.12
N VAL A 340 9.32 -5.82 11.92
CA VAL A 340 9.35 -6.22 13.37
C VAL A 340 8.03 -6.93 13.69
N GLU A 341 8.02 -7.76 14.74
CA GLU A 341 6.81 -8.39 15.32
C GLU A 341 5.90 -7.27 15.82
N CYS A 342 4.60 -7.33 15.51
CA CYS A 342 3.57 -6.31 15.88
C CYS A 342 2.47 -6.92 16.75
N PHE A 343 1.59 -6.06 17.26
CA PHE A 343 0.38 -6.43 18.02
C PHE A 343 -0.45 -7.44 17.20
N ASP A 344 -0.77 -8.60 17.80
CA ASP A 344 -1.37 -9.79 17.12
C ASP A 344 -2.88 -9.89 17.41
N LYS A 345 -3.38 -9.27 18.49
CA LYS A 345 -4.69 -9.59 19.10
C LYS A 345 -5.85 -8.86 18.42
N PHE A 346 -5.62 -8.05 17.38
CA PHE A 346 -6.70 -7.45 16.56
C PHE A 346 -6.80 -8.21 15.22
N LYS A 347 -7.88 -7.97 14.46
CA LYS A 347 -7.98 -8.31 13.01
C LYS A 347 -6.94 -7.46 12.27
N VAL A 348 -6.13 -8.09 11.40
CA VAL A 348 -5.00 -7.43 10.65
C VAL A 348 -5.48 -6.94 9.26
N ASN A 349 -5.35 -5.63 8.99
CA ASN A 349 -5.40 -4.99 7.64
C ASN A 349 -6.85 -4.75 7.21
N SER A 350 -7.79 -4.82 8.17
CA SER A 350 -9.21 -4.44 7.98
C SER A 350 -9.35 -2.93 8.15
N THR A 351 -8.97 -2.20 7.10
CA THR A 351 -8.94 -0.72 7.01
C THR A 351 -10.26 -0.05 7.43
N LEU A 352 -11.39 -0.75 7.38
CA LEU A 352 -12.72 -0.09 7.54
C LEU A 352 -13.32 -0.35 8.93
N GLU A 353 -12.57 -0.98 9.84
CA GLU A 353 -12.99 -1.15 11.26
C GLU A 353 -13.07 0.23 11.90
N GLN A 354 -13.99 0.44 12.85
CA GLN A 354 -14.22 1.75 13.55
C GLN A 354 -12.89 2.29 14.15
N TYR A 355 -12.00 1.39 14.62
CA TYR A 355 -10.71 1.71 15.28
C TYR A 355 -9.58 1.08 14.48
N VAL A 356 -8.71 1.92 13.93
CA VAL A 356 -7.55 1.52 13.07
C VAL A 356 -6.28 2.02 13.73
N PHE A 357 -5.31 1.12 13.90
CA PHE A 357 -4.02 1.33 14.60
C PHE A 357 -2.91 1.09 13.57
N CYS A 358 -2.21 2.18 13.20
CA CYS A 358 -1.28 2.16 12.05
C CYS A 358 -0.12 3.16 12.21
N THR A 359 1.10 2.70 11.91
CA THR A 359 2.31 3.55 11.78
C THR A 359 2.10 4.50 10.61
N VAL A 360 2.66 5.72 10.67
CA VAL A 360 2.46 6.80 9.66
C VAL A 360 2.80 6.29 8.25
N ASN A 361 3.88 5.51 8.10
CA ASN A 361 4.42 5.11 6.77
C ASN A 361 3.59 3.97 6.16
N ALA A 362 2.60 3.43 6.89
CA ALA A 362 1.68 2.37 6.41
C ALA A 362 0.25 2.89 6.28
N LEU A 363 -0.03 4.15 6.66
CA LEU A 363 -1.41 4.72 6.68
C LEU A 363 -2.05 4.53 5.32
N PRO A 364 -3.31 4.05 5.26
CA PRO A 364 -4.06 4.02 4.01
C PRO A 364 -4.67 5.39 3.71
N GLU A 365 -5.19 5.53 2.50
CA GLU A 365 -5.95 6.73 2.09
C GLU A 365 -7.37 6.49 2.60
N THR A 366 -7.80 7.26 3.60
CA THR A 366 -9.14 7.07 4.25
C THR A 366 -9.57 8.38 4.93
N THR A 367 -10.71 8.33 5.61
CA THR A 367 -11.28 9.47 6.36
C THR A 367 -11.57 8.97 7.78
N ALA A 368 -11.88 9.91 8.68
CA ALA A 368 -12.07 9.64 10.12
C ALA A 368 -12.70 10.85 10.83
N ASP A 369 -13.45 10.59 11.90
CA ASP A 369 -14.11 11.61 12.73
C ASP A 369 -13.04 12.23 13.63
N ILE A 370 -12.15 11.38 14.17
CA ILE A 370 -10.94 11.81 14.93
C ILE A 370 -9.74 10.97 14.48
N VAL A 371 -8.61 11.66 14.25
CA VAL A 371 -7.25 11.05 14.13
C VAL A 371 -6.47 11.45 15.39
N VAL A 372 -5.86 10.44 16.03
CA VAL A 372 -4.96 10.64 17.20
C VAL A 372 -3.55 10.27 16.75
N PHE A 373 -2.69 11.27 16.69
CA PHE A 373 -1.23 11.18 16.44
C PHE A 373 -0.52 11.24 17.80
N ASP A 374 0.10 10.12 18.19
CA ASP A 374 0.73 9.93 19.52
C ASP A 374 2.25 9.98 19.37
N GLU A 375 2.97 10.21 20.46
CA GLU A 375 4.46 10.31 20.52
C GLU A 375 4.91 11.42 19.56
N ILE A 376 4.32 12.62 19.71
CA ILE A 376 4.43 13.69 18.69
C ILE A 376 5.86 14.22 18.68
N SER A 377 6.62 14.13 19.76
CA SER A 377 8.01 14.64 19.78
C SER A 377 8.86 13.83 18.79
N MET A 378 8.49 12.58 18.50
CA MET A 378 9.22 11.68 17.57
C MET A 378 8.82 11.94 16.10
N ALA A 379 7.84 12.80 15.84
CA ALA A 379 7.38 13.06 14.46
C ALA A 379 8.26 14.15 13.85
N THR A 380 8.62 13.97 12.58
CA THR A 380 9.21 14.99 11.68
C THR A 380 8.08 15.78 11.02
N ASN A 381 8.36 16.94 10.42
CA ASN A 381 7.40 17.68 9.55
C ASN A 381 7.01 16.82 8.34
N TYR A 382 7.92 15.99 7.82
CA TYR A 382 7.61 15.01 6.76
C TYR A 382 6.47 14.09 7.22
N ASP A 383 6.55 13.56 8.45
CA ASP A 383 5.49 12.68 9.04
C ASP A 383 4.19 13.47 9.23
N LEU A 384 4.29 14.70 9.75
CA LEU A 384 3.10 15.56 10.00
C LEU A 384 2.33 15.81 8.69
N SER A 385 3.04 15.85 7.57
CA SER A 385 2.48 16.16 6.23
C SER A 385 1.81 14.91 5.65
N VAL A 386 2.52 13.78 5.67
CA VAL A 386 1.99 12.47 5.19
C VAL A 386 0.63 12.20 5.85
N VAL A 387 0.51 12.48 7.14
CA VAL A 387 -0.74 12.17 7.91
C VAL A 387 -1.86 13.00 7.28
N ASN A 388 -1.70 14.32 7.20
CA ASN A 388 -2.73 15.24 6.62
C ASN A 388 -3.06 14.83 5.17
N ALA A 389 -2.14 14.12 4.48
CA ALA A 389 -2.22 13.72 3.07
C ALA A 389 -2.98 12.41 2.87
N ARG A 390 -2.97 11.50 3.84
CA ARG A 390 -3.60 10.15 3.73
C ARG A 390 -4.94 10.11 4.50
N LEU A 391 -5.09 10.91 5.57
CA LEU A 391 -6.31 10.94 6.41
C LEU A 391 -6.96 12.31 6.27
N ARG A 392 -8.24 12.32 5.84
CA ARG A 392 -9.13 13.49 5.89
C ARG A 392 -10.11 13.28 7.04
N ALA A 393 -10.08 14.16 8.05
CA ALA A 393 -10.69 13.95 9.38
C ALA A 393 -11.35 15.22 9.91
N LYS A 394 -12.40 15.05 10.71
CA LYS A 394 -13.15 16.18 11.33
C LYS A 394 -12.26 16.84 12.40
N HIS A 395 -11.57 16.00 13.20
CA HIS A 395 -10.64 16.42 14.28
C HIS A 395 -9.32 15.64 14.25
N TYR A 396 -8.21 16.36 14.43
CA TYR A 396 -6.83 15.84 14.55
C TYR A 396 -6.35 16.12 15.98
N VAL A 397 -5.94 15.09 16.74
CA VAL A 397 -5.42 15.26 18.13
C VAL A 397 -3.96 14.86 18.13
N TYR A 398 -3.11 15.77 18.61
CA TYR A 398 -1.63 15.62 18.68
C TYR A 398 -1.21 15.45 20.16
N ILE A 399 -0.77 14.23 20.47
CA ILE A 399 -0.36 13.79 21.84
C ILE A 399 1.15 13.50 21.90
N GLY A 400 1.82 14.20 22.80
CA GLY A 400 3.15 13.79 23.28
C GLY A 400 3.69 14.82 24.23
N ASP A 401 5.02 15.01 24.22
CA ASP A 401 5.74 15.86 25.20
C ASP A 401 6.96 16.39 24.48
N PRO A 402 7.12 17.71 24.32
CA PRO A 402 8.34 18.27 23.74
C PRO A 402 9.52 18.14 24.71
N ALA A 403 9.30 17.75 25.97
CA ALA A 403 10.40 17.53 26.94
C ALA A 403 10.90 16.08 26.84
N GLN A 404 10.30 15.27 25.99
CA GLN A 404 10.85 13.93 25.67
C GLN A 404 11.60 13.99 24.34
N LEU A 405 11.99 12.82 23.81
CA LEU A 405 13.03 12.72 22.75
C LEU A 405 12.45 12.92 21.34
N PRO A 406 13.23 13.62 20.46
CA PRO A 406 12.84 13.79 19.06
C PRO A 406 13.34 12.63 18.19
N ALA A 407 12.84 12.54 16.96
CA ALA A 407 13.39 11.63 15.91
C ALA A 407 14.87 11.96 15.72
N PRO A 408 15.74 10.94 15.56
CA PRO A 408 17.17 11.20 15.36
C PRO A 408 17.31 11.97 14.04
N ARG A 409 18.14 13.02 14.02
CA ARG A 409 18.52 13.76 12.77
C ARG A 409 19.90 13.26 12.32
N THR A 410 19.95 12.18 11.56
CA THR A 410 21.22 11.49 11.22
C THR A 410 22.24 12.46 10.61
N LEU A 411 21.85 13.53 9.91
CA LEU A 411 22.82 14.48 9.27
C LEU A 411 23.31 15.53 10.25
N LEU A 412 22.50 15.93 11.23
CA LEU A 412 22.81 17.01 12.21
C LEU A 412 23.98 16.58 13.10
N THR A 413 25.10 17.30 13.00
CA THR A 413 26.33 17.08 13.81
C THR A 413 26.71 18.36 14.55
N LYS A 414 26.17 19.51 14.18
CA LYS A 414 26.61 20.82 14.75
C LYS A 414 25.42 21.56 15.39
N GLY A 415 25.46 21.79 16.69
CA GLY A 415 24.39 22.46 17.45
C GLY A 415 23.39 21.42 17.93
N THR A 416 22.60 21.79 18.93
CA THR A 416 21.56 20.90 19.52
C THR A 416 20.20 21.44 19.05
N LEU A 417 19.37 20.53 18.59
CA LEU A 417 17.97 20.79 18.20
C LEU A 417 17.11 20.97 19.45
N GLU A 418 16.76 22.21 19.78
CA GLU A 418 15.85 22.53 20.91
C GLU A 418 14.45 22.02 20.58
N PRO A 419 13.61 21.72 21.60
CA PRO A 419 12.27 21.13 21.40
C PRO A 419 11.28 21.96 20.55
N GLU A 420 11.37 23.29 20.59
CA GLU A 420 10.52 24.17 19.75
C GLU A 420 10.81 23.98 18.26
N TYR A 421 11.80 23.19 17.87
CA TYR A 421 12.19 22.98 16.46
C TYR A 421 12.03 21.52 16.04
N PHE A 422 11.40 20.68 16.86
CA PHE A 422 11.25 19.23 16.59
C PHE A 422 10.32 19.06 15.39
N ASN A 423 9.21 19.81 15.38
CA ASN A 423 8.12 19.77 14.40
C ASN A 423 7.18 20.92 14.73
N SER A 424 6.12 21.11 13.94
CA SER A 424 5.22 22.29 14.02
C SER A 424 4.36 22.19 15.29
N VAL A 425 3.92 20.97 15.63
CA VAL A 425 3.15 20.69 16.88
C VAL A 425 4.02 21.07 18.10
N CYS A 426 5.25 20.57 18.18
CA CYS A 426 6.15 20.90 19.33
C CYS A 426 6.46 22.39 19.36
N ARG A 427 6.64 23.02 18.20
CA ARG A 427 6.84 24.49 18.15
C ARG A 427 5.61 25.17 18.79
N LEU A 428 4.40 24.73 18.44
CA LEU A 428 3.17 25.33 19.03
C LEU A 428 3.19 25.08 20.53
N MET A 429 3.46 23.85 20.97
CA MET A 429 3.49 23.52 22.42
C MET A 429 4.52 24.37 23.15
N LYS A 430 5.61 24.78 22.48
CA LYS A 430 6.72 25.51 23.18
C LYS A 430 6.49 27.02 23.10
N THR A 431 5.69 27.52 22.16
CA THR A 431 5.53 28.99 21.95
C THR A 431 4.23 29.44 22.63
N ILE A 432 3.07 29.03 22.09
CA ILE A 432 1.73 29.48 22.56
C ILE A 432 1.23 28.53 23.66
N GLY A 433 1.91 27.39 23.87
CA GLY A 433 1.51 26.41 24.88
C GLY A 433 0.62 25.34 24.28
N PRO A 434 0.47 24.16 24.94
CA PRO A 434 -0.40 23.10 24.41
C PRO A 434 -1.86 23.45 24.78
N ASP A 435 -2.83 22.84 24.11
CA ASP A 435 -4.26 23.12 24.40
C ASP A 435 -4.57 22.56 25.79
N MET A 436 -4.05 21.38 26.05
CA MET A 436 -4.36 20.56 27.24
C MET A 436 -3.04 20.04 27.79
N PHE A 437 -2.86 20.13 29.11
CA PHE A 437 -1.65 19.64 29.84
C PHE A 437 -2.10 18.66 30.92
N LEU A 438 -1.73 17.38 30.81
CA LEU A 438 -1.84 16.40 31.92
C LEU A 438 -0.71 16.68 32.93
N GLY A 439 -1.05 17.16 34.13
CA GLY A 439 -0.09 17.79 35.06
C GLY A 439 0.18 16.97 36.31
N THR A 440 -0.39 15.76 36.43
CA THR A 440 -0.12 14.86 37.58
C THR A 440 0.46 13.54 37.08
N CYS A 441 1.72 13.31 37.44
CA CYS A 441 2.45 12.03 37.19
C CYS A 441 2.00 10.98 38.21
N ARG A 442 1.47 9.85 37.77
CA ARG A 442 0.96 8.76 38.64
C ARG A 442 1.97 7.60 38.66
N ARG A 443 3.12 7.76 38.01
CA ARG A 443 4.06 6.62 37.80
C ARG A 443 5.20 6.69 38.81
N CYS A 444 5.74 7.88 39.08
CA CYS A 444 7.14 8.00 39.56
C CYS A 444 7.16 8.43 41.01
N PRO A 445 8.12 7.92 41.78
CA PRO A 445 8.36 8.42 43.12
C PRO A 445 8.54 9.95 43.07
N ALA A 446 8.01 10.66 44.06
CA ALA A 446 8.07 12.13 44.10
C ALA A 446 9.48 12.65 43.82
N GLU A 447 10.52 11.93 44.20
CA GLU A 447 11.93 12.41 44.02
C GLU A 447 12.17 12.63 42.52
N ILE A 448 11.71 11.72 41.69
CA ILE A 448 11.82 11.81 40.20
C ILE A 448 10.88 12.91 39.71
N VAL A 449 9.63 12.94 40.17
CA VAL A 449 8.63 13.95 39.69
C VAL A 449 9.12 15.36 40.06
N ASP A 450 9.63 15.57 41.27
CA ASP A 450 10.10 16.91 41.71
C ASP A 450 11.33 17.31 40.87
N THR A 451 12.18 16.35 40.50
CA THR A 451 13.43 16.66 39.73
C THR A 451 13.05 17.15 38.33
N VAL A 452 12.27 16.36 37.58
CA VAL A 452 11.97 16.69 36.16
C VAL A 452 11.07 17.93 36.12
N SER A 453 10.17 18.10 37.09
CA SER A 453 9.21 19.24 37.16
C SER A 453 10.02 20.53 37.10
N ALA A 454 11.07 20.64 37.91
CA ALA A 454 11.94 21.83 37.94
C ALA A 454 12.82 21.89 36.67
N LEU A 455 13.22 20.74 36.12
CA LEU A 455 14.18 20.66 34.99
C LEU A 455 13.52 21.06 33.66
N VAL A 456 12.33 20.53 33.33
CA VAL A 456 11.76 20.71 31.95
C VAL A 456 10.30 21.16 31.97
N TYR A 457 9.60 21.21 33.10
CA TYR A 457 8.13 21.47 33.10
C TYR A 457 7.77 22.74 33.90
N ASP A 458 8.72 23.66 34.08
CA ASP A 458 8.54 24.92 34.85
C ASP A 458 7.72 24.63 36.11
N ASN A 459 8.09 23.60 36.87
CA ASN A 459 7.46 23.28 38.19
C ASN A 459 5.96 23.06 38.07
N LYS A 460 5.45 22.67 36.90
CA LYS A 460 3.99 22.47 36.67
C LYS A 460 3.62 20.98 36.69
N LEU A 461 4.60 20.07 36.74
CA LEU A 461 4.32 18.61 36.90
C LEU A 461 4.25 18.31 38.39
N LYS A 462 3.16 17.64 38.81
CA LYS A 462 2.89 17.31 40.23
C LYS A 462 2.98 15.80 40.43
N ALA A 463 3.45 15.40 41.62
CA ALA A 463 3.62 13.99 42.03
C ALA A 463 2.32 13.54 42.69
N HIS A 464 1.70 12.51 42.15
CA HIS A 464 0.67 11.73 42.87
C HIS A 464 1.37 10.88 43.93
N LYS A 465 2.29 10.00 43.52
CA LYS A 465 3.00 9.06 44.41
C LYS A 465 3.78 9.83 45.47
N ASP A 466 4.07 9.13 46.57
CA ASP A 466 4.93 9.60 47.69
C ASP A 466 6.39 9.41 47.24
N LYS A 467 7.32 10.18 47.80
CA LYS A 467 8.77 9.85 47.83
C LYS A 467 8.94 8.36 48.16
N SER A 468 9.63 7.56 47.34
CA SER A 468 9.77 6.09 47.52
C SER A 468 10.86 5.79 48.56
N ALA A 469 11.74 6.79 48.81
CA ALA A 469 13.03 6.66 49.53
C ALA A 469 13.91 5.57 48.89
N GLN A 470 13.64 5.19 47.64
CA GLN A 470 14.41 4.20 46.85
C GLN A 470 15.03 4.86 45.61
N CYS A 471 15.35 6.16 45.67
CA CYS A 471 15.90 6.91 44.54
C CYS A 471 17.27 7.43 44.96
N PHE A 472 18.33 6.83 44.41
CA PHE A 472 19.74 7.12 44.80
C PHE A 472 20.50 7.69 43.61
N LYS A 473 21.49 8.51 43.94
CA LYS A 473 22.39 9.16 42.98
C LYS A 473 23.81 8.95 43.49
N MET A 474 24.74 8.68 42.59
CA MET A 474 26.17 8.59 42.98
C MET A 474 26.97 9.38 41.95
N PHE A 475 27.81 10.29 42.38
CA PHE A 475 28.70 11.05 41.47
C PHE A 475 29.99 10.22 41.28
N TYR A 476 30.12 9.54 40.16
CA TYR A 476 31.30 8.65 39.89
C TYR A 476 31.74 8.72 38.42
N LYS A 477 32.75 9.53 38.12
CA LYS A 477 33.15 9.82 36.71
C LYS A 477 33.74 8.57 36.04
N GLY A 478 34.42 7.71 36.78
CA GLY A 478 34.86 6.40 36.26
C GLY A 478 35.91 6.57 35.18
N VAL A 479 35.80 5.81 34.09
CA VAL A 479 36.80 5.86 32.99
C VAL A 479 36.03 5.57 31.71
N ILE A 480 36.23 6.39 30.69
CA ILE A 480 35.40 6.31 29.46
C ILE A 480 36.30 5.71 28.37
N THR A 481 35.92 4.54 27.89
CA THR A 481 36.52 3.86 26.73
C THR A 481 35.46 3.96 25.65
N HIS A 482 35.83 3.69 24.40
CA HIS A 482 34.95 3.92 23.23
C HIS A 482 35.04 2.74 22.27
N ASP A 483 33.89 2.16 21.92
CA ASP A 483 33.70 1.17 20.84
C ASP A 483 33.34 2.00 19.59
N VAL A 484 34.36 2.46 18.88
CA VAL A 484 34.28 3.51 17.82
C VAL A 484 33.96 4.84 18.52
N SER A 485 32.71 5.30 18.51
CA SER A 485 32.24 6.55 19.17
C SER A 485 31.20 6.26 20.27
N SER A 486 30.54 5.10 20.21
CA SER A 486 29.67 4.60 21.30
C SER A 486 30.55 4.39 22.54
N ALA A 487 30.13 4.89 23.71
CA ALA A 487 31.00 5.01 24.90
C ALA A 487 30.72 3.85 25.88
N ILE A 488 31.69 3.57 26.75
CA ILE A 488 31.66 2.49 27.76
C ILE A 488 32.26 3.06 29.05
N ASN A 489 31.74 2.69 30.21
CA ASN A 489 32.34 3.14 31.49
C ASN A 489 32.32 1.97 32.46
N ARG A 490 33.32 1.09 32.37
CA ARG A 490 33.40 -0.17 33.14
C ARG A 490 33.32 0.15 34.62
N PRO A 491 34.08 1.12 35.16
CA PRO A 491 33.98 1.42 36.58
C PRO A 491 32.53 1.76 37.03
N GLN A 492 31.73 2.40 36.17
CA GLN A 492 30.34 2.77 36.51
C GLN A 492 29.52 1.50 36.61
N ILE A 493 29.81 0.51 35.76
CA ILE A 493 29.14 -0.82 35.84
C ILE A 493 29.67 -1.56 37.09
N GLY A 494 30.92 -1.34 37.48
CA GLY A 494 31.52 -1.95 38.67
C GLY A 494 30.82 -1.48 39.94
N VAL A 495 30.71 -0.17 40.11
CA VAL A 495 29.89 0.47 41.18
C VAL A 495 28.48 -0.17 41.22
N VAL A 496 27.86 -0.42 40.07
CA VAL A 496 26.48 -0.97 40.02
C VAL A 496 26.52 -2.37 40.61
N ARG A 497 27.39 -3.24 40.06
CA ARG A 497 27.60 -4.63 40.53
C ARG A 497 27.74 -4.63 42.08
N GLU A 498 28.52 -3.71 42.67
CA GLU A 498 28.75 -3.63 44.13
C GLU A 498 27.42 -3.33 44.84
N PHE A 499 26.70 -2.33 44.35
CA PHE A 499 25.36 -1.91 44.83
C PHE A 499 24.40 -3.12 44.84
N LEU A 500 24.40 -3.90 43.76
CA LEU A 500 23.43 -5.01 43.56
C LEU A 500 23.63 -6.08 44.65
N THR A 501 24.87 -6.34 45.05
CA THR A 501 25.17 -7.40 46.06
C THR A 501 24.44 -7.03 47.36
N ARG A 502 24.36 -5.74 47.70
CA ARG A 502 23.81 -5.20 48.98
C ARG A 502 22.33 -4.84 48.83
N ASN A 503 21.80 -4.86 47.62
CA ASN A 503 20.45 -4.31 47.34
C ASN A 503 19.67 -5.33 46.51
N PRO A 504 19.51 -6.60 46.97
CA PRO A 504 19.00 -7.67 46.12
C PRO A 504 17.59 -7.44 45.55
N ALA A 505 16.85 -6.47 46.11
CA ALA A 505 15.54 -6.00 45.58
C ALA A 505 15.69 -5.47 44.15
N TRP A 506 16.87 -4.94 43.81
CA TRP A 506 17.18 -4.29 42.51
C TRP A 506 17.60 -5.32 41.45
N ARG A 507 17.65 -6.60 41.79
CA ARG A 507 18.11 -7.68 40.87
C ARG A 507 17.20 -7.72 39.64
N LYS A 508 15.97 -7.23 39.79
CA LYS A 508 14.91 -7.24 38.74
C LYS A 508 15.03 -5.97 37.87
N ALA A 509 16.00 -5.08 38.17
CA ALA A 509 16.11 -3.73 37.58
C ALA A 509 16.38 -3.83 36.08
N VAL A 510 15.88 -2.86 35.32
CA VAL A 510 16.30 -2.58 33.91
C VAL A 510 17.50 -1.66 33.98
N PHE A 511 18.58 -2.02 33.29
CA PHE A 511 19.82 -1.21 33.14
C PHE A 511 19.60 -0.21 32.00
N ILE A 512 19.87 1.07 32.22
CA ILE A 512 19.64 2.12 31.18
C ILE A 512 20.88 3.01 31.10
N SER A 513 21.29 3.35 29.89
CA SER A 513 22.44 4.25 29.62
C SER A 513 22.18 4.93 28.29
N PRO A 514 22.85 6.06 28.01
CA PRO A 514 22.72 6.71 26.70
C PRO A 514 23.48 6.04 25.54
N TYR A 515 24.08 4.85 25.77
CA TYR A 515 25.05 4.18 24.84
C TYR A 515 24.81 2.67 24.77
N ASN A 516 24.67 2.14 23.55
CA ASN A 516 24.48 0.69 23.26
C ASN A 516 25.69 -0.10 23.77
N SER A 517 26.88 0.44 23.57
CA SER A 517 28.13 -0.28 23.89
C SER A 517 28.18 -0.48 25.42
N GLN A 518 27.93 0.58 26.19
CA GLN A 518 27.81 0.53 27.68
C GLN A 518 26.78 -0.55 28.05
N ASN A 519 25.60 -0.52 27.42
CA ASN A 519 24.53 -1.53 27.62
C ASN A 519 25.07 -2.93 27.34
N ALA A 520 25.85 -3.11 26.27
CA ALA A 520 26.37 -4.43 25.86
C ALA A 520 27.24 -4.98 26.97
N VAL A 521 28.16 -4.15 27.48
CA VAL A 521 29.05 -4.52 28.61
C VAL A 521 28.22 -4.82 29.87
N ALA A 522 27.20 -3.99 30.17
CA ALA A 522 26.33 -4.10 31.36
C ALA A 522 25.53 -5.41 31.29
N SER A 523 24.93 -5.72 30.15
CA SER A 523 24.31 -7.04 29.89
C SER A 523 25.25 -8.18 30.37
N LYS A 524 26.48 -8.27 29.84
CA LYS A 524 27.42 -9.38 30.16
C LYS A 524 27.81 -9.38 31.65
N ILE A 525 28.15 -8.25 32.25
CA ILE A 525 28.69 -8.21 33.65
C ILE A 525 27.54 -8.34 34.66
N LEU A 526 26.39 -7.69 34.42
CA LEU A 526 25.29 -7.55 35.44
C LEU A 526 24.22 -8.60 35.19
N GLY A 527 23.96 -8.93 33.93
CA GLY A 527 22.92 -9.88 33.52
C GLY A 527 21.55 -9.24 33.41
N LEU A 528 21.42 -7.96 33.79
CA LEU A 528 20.15 -7.19 33.77
C LEU A 528 19.67 -7.03 32.34
N PRO A 529 18.35 -6.92 32.10
CA PRO A 529 17.87 -6.48 30.80
C PRO A 529 18.33 -5.03 30.62
N THR A 530 18.39 -4.58 29.37
CA THR A 530 19.19 -3.42 28.94
C THR A 530 18.35 -2.56 27.97
N GLN A 531 18.33 -1.25 28.17
CA GLN A 531 17.65 -0.29 27.26
C GLN A 531 18.53 0.94 27.10
N THR A 532 18.65 1.49 25.88
CA THR A 532 19.12 2.88 25.67
C THR A 532 18.00 3.79 26.19
N VAL A 533 18.33 5.00 26.63
CA VAL A 533 17.28 5.98 27.02
C VAL A 533 16.26 6.07 25.89
N ASP A 534 16.73 6.21 24.65
CA ASP A 534 15.89 6.44 23.44
C ASP A 534 14.91 5.27 23.27
N SER A 535 15.38 4.02 23.40
CA SER A 535 14.53 2.81 23.25
C SER A 535 13.61 2.63 24.47
N SER A 536 13.94 3.25 25.63
CA SER A 536 13.16 3.13 26.90
C SER A 536 11.89 3.99 26.86
N GLN A 537 11.84 5.00 26.00
CA GLN A 537 10.75 6.01 25.94
C GLN A 537 9.43 5.29 25.69
N GLY A 538 8.38 5.68 26.42
CA GLY A 538 7.06 5.02 26.43
C GLY A 538 6.91 3.86 27.42
N SER A 539 8.01 3.27 27.91
CA SER A 539 8.05 2.06 28.77
C SER A 539 8.23 2.46 30.24
N GLU A 540 7.91 1.55 31.16
CA GLU A 540 8.03 1.79 32.63
C GLU A 540 8.46 0.49 33.31
N TYR A 541 9.28 0.64 34.34
CA TYR A 541 9.93 -0.48 35.06
C TYR A 541 9.96 -0.12 36.55
N ASP A 542 9.74 -1.11 37.42
CA ASP A 542 9.70 -0.92 38.88
C ASP A 542 11.00 -0.22 39.30
N TYR A 543 12.12 -0.85 38.95
CA TYR A 543 13.47 -0.37 39.29
C TYR A 543 14.26 -0.10 38.01
N VAL A 544 15.06 0.96 38.04
CA VAL A 544 15.87 1.42 36.88
C VAL A 544 17.25 1.67 37.43
N ILE A 545 18.29 1.17 36.75
CA ILE A 545 19.69 1.58 37.05
C ILE A 545 20.16 2.34 35.82
N PHE A 546 20.57 3.60 36.02
CA PHE A 546 21.00 4.51 34.92
C PHE A 546 22.46 4.83 35.14
N THR A 547 23.35 4.49 34.20
CA THR A 547 24.75 5.00 34.20
C THR A 547 24.84 6.06 33.11
N GLN A 548 25.15 7.29 33.48
CA GLN A 548 25.28 8.38 32.50
C GLN A 548 26.38 8.05 31.49
N THR A 549 27.39 7.27 31.88
CA THR A 549 28.53 6.78 31.04
C THR A 549 29.56 7.88 30.78
N THR A 550 29.16 9.01 30.18
CA THR A 550 30.03 10.16 29.83
C THR A 550 29.37 11.48 30.23
N GLU A 551 30.06 12.61 30.11
CA GLU A 551 29.43 13.94 30.29
C GLU A 551 29.53 14.72 28.99
N THR A 552 29.11 14.09 27.89
CA THR A 552 28.92 14.72 26.56
C THR A 552 27.55 15.40 26.42
N ALA A 553 27.33 16.09 25.32
CA ALA A 553 26.07 16.82 25.03
C ALA A 553 24.93 15.80 24.86
N HIS A 554 25.23 14.61 24.37
CA HIS A 554 24.24 13.50 24.16
C HIS A 554 23.70 13.06 25.53
N SER A 555 24.60 12.81 26.45
CA SER A 555 24.30 12.17 27.75
C SER A 555 23.80 13.22 28.73
N CYS A 556 24.05 14.50 28.45
CA CYS A 556 23.59 15.61 29.32
C CYS A 556 22.37 16.27 28.75
N ASN A 557 21.87 15.77 27.63
CA ASN A 557 20.65 16.32 27.02
C ASN A 557 19.53 16.17 28.04
N VAL A 558 18.90 17.30 28.47
CA VAL A 558 17.86 17.32 29.54
C VAL A 558 16.64 16.54 29.07
N ASN A 559 16.35 16.52 27.78
CA ASN A 559 15.20 15.72 27.28
C ASN A 559 15.51 14.26 27.58
N ARG A 560 16.70 13.77 27.18
CA ARG A 560 17.10 12.36 27.32
C ARG A 560 17.16 12.02 28.80
N PHE A 561 17.73 12.92 29.61
CA PHE A 561 17.80 12.75 31.07
C PHE A 561 16.40 12.61 31.67
N ASN A 562 15.48 13.48 31.24
CA ASN A 562 14.07 13.49 31.69
C ASN A 562 13.48 12.11 31.43
N VAL A 563 13.64 11.58 30.23
CA VAL A 563 13.09 10.25 29.87
C VAL A 563 13.75 9.17 30.73
N ALA A 564 15.08 9.16 30.81
CA ALA A 564 15.88 8.16 31.53
C ALA A 564 15.29 7.89 32.93
N ILE A 565 15.01 8.94 33.71
CA ILE A 565 14.69 8.80 35.16
C ILE A 565 13.19 8.62 35.37
N THR A 566 12.34 9.04 34.42
CA THR A 566 10.87 8.89 34.50
C THR A 566 10.44 7.51 33.97
N ARG A 567 11.35 6.57 33.73
CA ARG A 567 10.93 5.18 33.42
C ARG A 567 10.55 4.42 34.71
N ALA A 568 10.92 4.93 35.88
CA ALA A 568 10.94 4.17 37.15
C ALA A 568 9.63 4.37 37.94
N LYS A 569 8.98 3.26 38.34
CA LYS A 569 7.75 3.29 39.17
C LYS A 569 8.11 3.33 40.66
N VAL A 570 9.19 2.68 41.10
CA VAL A 570 9.50 2.41 42.54
C VAL A 570 10.85 3.00 42.88
N GLY A 571 11.91 2.56 42.21
CA GLY A 571 13.28 3.01 42.52
C GLY A 571 14.11 3.31 41.30
N ILE A 572 15.14 4.12 41.50
CA ILE A 572 16.17 4.41 40.47
C ILE A 572 17.52 4.63 41.15
N LEU A 573 18.57 4.06 40.55
CA LEU A 573 19.99 4.36 40.87
C LEU A 573 20.56 5.11 39.68
N CYS A 574 21.11 6.30 39.90
CA CYS A 574 21.72 7.15 38.88
C CYS A 574 23.18 7.29 39.24
N ILE A 575 24.05 6.68 38.45
CA ILE A 575 25.52 6.90 38.51
C ILE A 575 25.77 7.99 37.49
N MET A 576 26.22 9.15 37.95
CA MET A 576 26.30 10.43 37.20
C MET A 576 27.75 10.80 36.91
N SER A 577 27.96 11.42 35.75
CA SER A 577 29.26 11.98 35.30
C SER A 577 29.24 13.52 35.36
N ASP A 578 28.05 14.11 35.32
CA ASP A 578 27.82 15.56 35.14
C ASP A 578 27.43 16.18 36.48
N ARG A 579 28.24 17.11 36.98
CA ARG A 579 28.04 17.72 38.32
C ARG A 579 26.67 18.40 38.31
N ASP A 580 26.40 19.11 37.22
CA ASP A 580 25.16 19.88 36.98
C ASP A 580 23.95 18.97 37.28
N LEU A 581 23.73 17.98 36.41
CA LEU A 581 22.55 17.09 36.50
C LEU A 581 22.59 16.26 37.78
N TYR A 582 23.79 15.90 38.27
CA TYR A 582 23.91 15.18 39.56
C TYR A 582 23.31 16.05 40.67
N ASP A 583 23.72 17.33 40.74
CA ASP A 583 23.30 18.26 41.83
C ASP A 583 21.77 18.44 41.75
N LYS A 584 21.18 18.56 40.55
CA LYS A 584 19.72 18.79 40.37
C LYS A 584 18.92 17.57 40.84
N LEU A 585 19.43 16.34 40.69
CA LEU A 585 18.69 15.12 41.14
C LEU A 585 18.34 15.27 42.64
N GLN A 586 17.06 15.25 42.98
CA GLN A 586 16.59 15.34 44.39
C GLN A 586 16.50 13.93 44.94
N PHE A 587 17.65 13.25 44.97
CA PHE A 587 17.77 11.82 45.35
C PHE A 587 18.72 11.78 46.54
N THR A 588 18.56 10.77 47.38
CA THR A 588 19.52 10.36 48.43
C THR A 588 20.88 10.06 47.77
N SER A 589 21.94 10.77 48.15
CA SER A 589 23.31 10.51 47.67
C SER A 589 23.86 9.23 48.33
N LEU A 590 24.57 8.40 47.56
CA LEU A 590 25.34 7.22 48.06
C LEU A 590 26.84 7.54 48.10
N GLU A 591 27.62 6.72 48.83
CA GLU A 591 29.10 6.81 48.95
C GLU A 591 29.79 5.60 48.29
N ILE A 592 31.09 5.75 47.97
CA ILE A 592 32.09 4.76 47.45
C ILE A 592 32.52 5.25 46.06
N VAL B 2 -23.69 4.92 9.55
CA VAL B 2 -24.76 5.82 8.99
C VAL B 2 -24.37 6.21 7.55
N GLY B 3 -25.32 6.21 6.61
CA GLY B 3 -25.04 6.48 5.17
C GLY B 3 -26.26 6.30 4.28
N ALA B 4 -26.04 5.85 3.04
CA ALA B 4 -27.01 5.93 1.92
C ALA B 4 -27.50 4.53 1.50
N CYS B 5 -28.82 4.41 1.34
CA CYS B 5 -29.53 3.17 0.94
C CYS B 5 -29.04 2.76 -0.45
N VAL B 6 -28.70 1.49 -0.65
CA VAL B 6 -28.20 0.94 -1.94
C VAL B 6 -29.37 0.64 -2.90
N LEU B 7 -30.59 1.11 -2.61
CA LEU B 7 -31.78 0.83 -3.48
C LEU B 7 -32.62 2.09 -3.74
N CYS B 8 -32.65 3.03 -2.79
CA CYS B 8 -33.39 4.32 -2.87
C CYS B 8 -32.42 5.49 -2.75
N ASN B 9 -31.25 5.27 -2.14
CA ASN B 9 -30.27 6.32 -1.79
C ASN B 9 -30.68 6.98 -0.47
N SER B 10 -31.98 6.98 -0.15
CA SER B 10 -32.56 7.57 1.09
C SER B 10 -31.54 7.41 2.24
N GLN B 11 -31.16 8.50 2.90
CA GLN B 11 -30.25 8.44 4.08
C GLN B 11 -30.81 7.35 5.01
N THR B 12 -29.97 6.63 5.75
CA THR B 12 -30.42 5.72 6.84
C THR B 12 -29.31 5.41 7.83
N SER B 13 -29.70 4.94 9.01
CA SER B 13 -28.82 4.48 10.10
C SER B 13 -28.78 2.95 10.12
N LEU B 14 -29.35 2.32 9.09
CA LEU B 14 -29.55 0.84 9.02
C LEU B 14 -28.59 0.24 7.99
N ARG B 15 -27.77 -0.71 8.45
CA ARG B 15 -26.99 -1.71 7.65
C ARG B 15 -27.53 -3.11 7.95
N CYS B 16 -27.85 -3.92 6.92
CA CYS B 16 -28.25 -5.36 7.07
C CYS B 16 -27.03 -6.17 7.52
N GLY B 17 -27.10 -6.79 8.69
CA GLY B 17 -25.97 -7.47 9.34
C GLY B 17 -25.72 -8.86 8.77
N ALA B 18 -26.70 -9.45 8.07
CA ALA B 18 -26.61 -10.83 7.52
C ALA B 18 -25.97 -10.80 6.13
N CYS B 19 -26.20 -9.72 5.36
CA CYS B 19 -25.46 -9.42 4.10
C CYS B 19 -23.96 -9.30 4.42
N ILE B 20 -23.13 -10.06 3.68
CA ILE B 20 -21.66 -10.12 3.96
C ILE B 20 -21.07 -8.72 3.73
N ARG B 21 -21.68 -7.89 2.88
CA ARG B 21 -21.17 -6.52 2.56
C ARG B 21 -21.84 -5.44 3.42
N ARG B 22 -22.80 -5.82 4.28
CA ARG B 22 -23.47 -4.95 5.29
C ARG B 22 -23.97 -3.66 4.64
N PRO B 23 -24.74 -3.74 3.54
CA PRO B 23 -25.16 -2.53 2.83
C PRO B 23 -26.10 -1.68 3.68
N PHE B 24 -25.99 -0.35 3.60
CA PHE B 24 -27.00 0.60 4.14
C PHE B 24 -28.33 0.32 3.42
N LEU B 25 -29.39 0.12 4.20
CA LEU B 25 -30.79 -0.02 3.74
C LEU B 25 -31.68 0.99 4.48
N CYS B 26 -32.62 1.60 3.76
CA CYS B 26 -33.59 2.58 4.30
C CYS B 26 -34.77 1.81 4.92
N CYS B 27 -35.30 2.36 6.02
CA CYS B 27 -36.47 1.80 6.76
C CYS B 27 -37.34 0.95 5.81
N LYS B 28 -37.73 1.48 4.65
CA LYS B 28 -38.74 0.78 3.79
C LYS B 28 -38.06 -0.44 3.14
N CYS B 29 -36.79 -0.30 2.72
CA CYS B 29 -36.08 -1.30 1.86
C CYS B 29 -35.49 -2.38 2.79
N CYS B 30 -34.88 -1.97 3.92
CA CYS B 30 -34.44 -2.86 5.03
C CYS B 30 -35.57 -3.80 5.48
N TYR B 31 -36.79 -3.28 5.64
CA TYR B 31 -38.02 -4.04 5.99
C TYR B 31 -38.37 -5.03 4.86
N ASP B 32 -38.44 -4.55 3.61
CA ASP B 32 -38.82 -5.40 2.45
C ASP B 32 -37.79 -6.52 2.29
N HIS B 33 -36.51 -6.26 2.63
CA HIS B 33 -35.37 -7.25 2.61
C HIS B 33 -35.56 -8.32 3.71
N VAL B 34 -35.60 -7.93 4.99
CA VAL B 34 -35.68 -8.86 6.17
C VAL B 34 -36.93 -9.75 6.11
N ILE B 35 -38.09 -9.27 5.64
CA ILE B 35 -39.37 -10.03 5.69
C ILE B 35 -39.47 -11.03 4.54
N SER B 36 -38.53 -11.00 3.59
CA SER B 36 -38.63 -11.85 2.37
C SER B 36 -37.40 -12.74 2.20
N THR B 37 -36.40 -12.62 3.09
CA THR B 37 -35.18 -13.46 3.14
C THR B 37 -35.01 -14.01 4.56
N SER B 38 -33.97 -14.82 4.78
CA SER B 38 -33.46 -15.30 6.08
C SER B 38 -32.66 -14.19 6.79
N HIS B 39 -32.35 -13.10 6.12
CA HIS B 39 -31.53 -12.01 6.71
C HIS B 39 -32.40 -11.29 7.75
N LYS B 40 -32.06 -11.36 9.04
CA LYS B 40 -32.85 -10.69 10.12
C LYS B 40 -31.94 -9.92 11.08
N LEU B 41 -30.61 -10.07 11.02
CA LEU B 41 -29.75 -9.18 11.85
C LEU B 41 -29.73 -7.82 11.15
N VAL B 42 -29.97 -6.73 11.89
CA VAL B 42 -30.01 -5.33 11.37
C VAL B 42 -29.11 -4.49 12.26
N LEU B 43 -28.16 -3.76 11.67
CA LEU B 43 -27.11 -2.99 12.38
C LEU B 43 -27.39 -1.49 12.30
N SER B 44 -27.17 -0.80 13.41
CA SER B 44 -27.19 0.69 13.51
C SER B 44 -25.98 1.14 14.33
N VAL B 45 -26.10 2.20 15.14
CA VAL B 45 -25.03 2.62 16.10
C VAL B 45 -24.67 1.39 16.90
N ASN B 46 -25.68 0.62 17.28
CA ASN B 46 -25.55 -0.70 17.96
C ASN B 46 -26.22 -1.74 17.07
N PRO B 47 -25.95 -3.05 17.29
CA PRO B 47 -26.70 -4.10 16.61
C PRO B 47 -28.08 -4.20 17.26
N TYR B 48 -29.14 -4.20 16.45
CA TYR B 48 -30.50 -4.59 16.91
C TYR B 48 -30.37 -6.03 17.42
N VAL B 49 -29.99 -6.17 18.69
CA VAL B 49 -29.90 -7.47 19.42
C VAL B 49 -30.51 -7.22 20.80
N CYS B 50 -31.17 -8.21 21.40
CA CYS B 50 -31.74 -8.08 22.78
C CYS B 50 -30.59 -7.78 23.75
N ASN B 51 -30.73 -6.71 24.54
CA ASN B 51 -29.69 -6.24 25.48
C ASN B 51 -29.68 -7.11 26.75
N ALA B 52 -30.80 -7.73 27.13
CA ALA B 52 -30.93 -8.53 28.36
C ALA B 52 -29.80 -9.55 28.42
N PRO B 53 -29.09 -9.70 29.56
CA PRO B 53 -27.91 -10.57 29.65
C PRO B 53 -28.20 -12.05 29.31
N GLY B 54 -27.39 -12.63 28.42
CA GLY B 54 -27.51 -14.05 28.01
C GLY B 54 -28.82 -14.32 27.29
N CYS B 55 -29.31 -13.36 26.51
CA CYS B 55 -30.44 -13.50 25.53
C CYS B 55 -29.90 -13.44 24.09
N ASP B 56 -30.17 -14.48 23.30
CA ASP B 56 -29.58 -14.67 21.95
C ASP B 56 -30.61 -14.29 20.88
N VAL B 57 -31.49 -13.32 21.15
CA VAL B 57 -32.45 -12.80 20.11
C VAL B 57 -31.74 -11.69 19.32
N THR B 58 -31.58 -11.93 18.01
CA THR B 58 -30.92 -11.06 16.99
C THR B 58 -31.91 -10.74 15.84
N ASP B 59 -33.00 -11.49 15.69
CA ASP B 59 -34.04 -11.27 14.64
C ASP B 59 -34.73 -9.92 14.91
N VAL B 60 -34.73 -9.02 13.92
CA VAL B 60 -35.27 -7.63 14.03
C VAL B 60 -36.80 -7.69 14.21
N THR B 61 -37.46 -8.70 13.62
CA THR B 61 -38.95 -8.87 13.68
C THR B 61 -39.38 -9.27 15.11
N GLN B 62 -38.45 -9.76 15.94
CA GLN B 62 -38.72 -10.25 17.33
C GLN B 62 -38.14 -9.25 18.33
N LEU B 63 -37.94 -8.00 17.95
CA LEU B 63 -37.29 -7.03 18.87
C LEU B 63 -38.05 -5.70 18.92
N TYR B 64 -37.90 -5.04 20.08
CA TYR B 64 -38.58 -3.78 20.50
C TYR B 64 -37.52 -2.85 21.06
N LEU B 65 -37.70 -1.53 20.92
CA LEU B 65 -36.90 -0.49 21.61
C LEU B 65 -37.54 -0.14 22.96
N GLY B 66 -36.81 -0.44 24.05
CA GLY B 66 -37.25 -0.28 25.45
C GLY B 66 -36.44 0.79 26.16
N GLY B 67 -36.87 2.05 26.03
CA GLY B 67 -36.12 3.23 26.50
C GLY B 67 -35.08 3.62 25.49
N MET B 68 -33.82 3.24 25.73
CA MET B 68 -32.66 3.52 24.83
C MET B 68 -32.01 2.20 24.36
N SER B 69 -32.27 1.08 25.05
CA SER B 69 -31.72 -0.28 24.78
C SER B 69 -32.79 -1.19 24.15
N TYR B 70 -32.38 -2.08 23.24
CA TYR B 70 -33.26 -3.00 22.47
C TYR B 70 -33.53 -4.26 23.29
N TYR B 71 -34.74 -4.82 23.19
CA TYR B 71 -35.15 -6.08 23.88
C TYR B 71 -36.06 -6.92 22.97
N CYS B 72 -36.16 -8.21 23.29
CA CYS B 72 -37.10 -9.17 22.67
C CYS B 72 -38.44 -9.13 23.44
N LYS B 73 -39.36 -10.02 23.08
CA LYS B 73 -40.72 -10.12 23.68
C LYS B 73 -40.57 -10.47 25.17
N SER B 74 -39.61 -11.33 25.50
CA SER B 74 -39.42 -11.90 26.86
C SER B 74 -38.74 -10.89 27.80
N HIS B 75 -38.04 -9.90 27.27
CA HIS B 75 -37.21 -8.99 28.09
C HIS B 75 -37.60 -7.52 27.88
N LYS B 76 -38.61 -7.23 27.06
CA LYS B 76 -38.97 -5.81 26.79
C LYS B 76 -39.45 -5.22 28.11
N PRO B 77 -39.18 -3.92 28.36
CA PRO B 77 -39.85 -3.19 29.43
C PRO B 77 -41.28 -2.80 29.06
N PRO B 78 -42.12 -2.38 30.03
CA PRO B 78 -43.52 -2.04 29.77
C PRO B 78 -43.72 -1.04 28.62
N ILE B 79 -42.93 0.04 28.60
CA ILE B 79 -42.94 1.10 27.54
C ILE B 79 -41.89 0.74 26.48
N SER B 80 -42.35 0.25 25.33
CA SER B 80 -41.54 -0.16 24.15
C SER B 80 -42.39 -0.12 22.88
N PHE B 81 -41.80 0.15 21.71
CA PHE B 81 -42.43 -0.03 20.37
C PHE B 81 -41.58 -0.97 19.53
N PRO B 82 -42.16 -1.76 18.61
CA PRO B 82 -41.39 -2.75 17.85
C PRO B 82 -40.39 -2.03 16.94
N LEU B 83 -39.40 -2.75 16.41
CA LEU B 83 -38.46 -2.18 15.40
C LEU B 83 -39.03 -2.39 13.98
N CYS B 84 -39.88 -3.40 13.75
CA CYS B 84 -40.61 -3.65 12.46
C CYS B 84 -42.10 -3.29 12.57
N ALA B 85 -42.57 -2.32 11.78
CA ALA B 85 -43.98 -1.89 11.78
C ALA B 85 -44.30 -1.06 10.54
N ASN B 86 -45.49 -1.18 9.98
CA ASN B 86 -45.95 -0.30 8.87
C ASN B 86 -44.96 -0.38 7.70
N GLY B 87 -44.43 -1.57 7.40
CA GLY B 87 -43.48 -1.82 6.30
C GLY B 87 -42.16 -1.08 6.51
N GLN B 88 -41.77 -0.80 7.74
CA GLN B 88 -40.52 -0.07 8.04
C GLN B 88 -39.76 -0.73 9.18
N VAL B 89 -38.45 -0.49 9.24
CA VAL B 89 -37.57 -0.88 10.38
C VAL B 89 -37.11 0.41 11.06
N PHE B 90 -37.13 0.46 12.39
CA PHE B 90 -36.83 1.71 13.11
C PHE B 90 -35.32 1.97 13.09
N GLY B 91 -34.94 3.22 12.81
CA GLY B 91 -33.55 3.72 12.88
C GLY B 91 -33.45 5.24 12.92
N LEU B 92 -33.07 5.87 11.80
CA LEU B 92 -33.00 7.35 11.65
C LEU B 92 -33.54 7.71 10.26
N TYR B 93 -33.83 8.99 10.04
CA TYR B 93 -34.26 9.57 8.74
C TYR B 93 -35.41 8.73 8.16
N LYS B 94 -36.42 8.42 8.99
CA LYS B 94 -37.63 7.59 8.68
C LYS B 94 -38.64 8.40 7.86
N ASN B 95 -38.59 9.73 7.96
CA ASN B 95 -39.44 10.71 7.22
C ASN B 95 -38.93 10.82 5.77
N THR B 96 -37.59 10.86 5.59
CA THR B 96 -36.88 10.75 4.27
C THR B 96 -36.65 9.25 3.96
N CYS B 97 -37.42 8.69 3.02
CA CYS B 97 -37.56 7.24 2.75
C CYS B 97 -38.51 7.04 1.55
N VAL B 98 -38.12 6.25 0.54
CA VAL B 98 -38.85 6.16 -0.77
C VAL B 98 -39.33 4.73 -1.09
N GLY B 99 -38.46 3.73 -0.87
CA GLY B 99 -38.75 2.30 -1.12
C GLY B 99 -38.59 1.93 -2.58
N SER B 100 -38.66 0.64 -2.92
CA SER B 100 -38.70 0.13 -4.32
C SER B 100 -39.97 -0.71 -4.53
N ASP B 101 -40.37 -0.91 -5.78
CA ASP B 101 -41.63 -1.61 -6.15
C ASP B 101 -41.42 -3.13 -6.05
N ASN B 102 -40.18 -3.60 -6.30
CA ASN B 102 -39.73 -5.02 -6.16
C ASN B 102 -38.23 -5.06 -5.81
N VAL B 103 -37.92 -5.24 -4.53
CA VAL B 103 -36.55 -5.42 -3.93
C VAL B 103 -36.02 -6.80 -4.33
N THR B 104 -36.70 -7.47 -5.27
CA THR B 104 -36.51 -8.89 -5.63
C THR B 104 -35.07 -9.15 -6.12
N ASP B 105 -34.50 -8.30 -6.99
CA ASP B 105 -33.15 -8.46 -7.58
C ASP B 105 -32.06 -8.25 -6.53
N PHE B 106 -32.28 -7.40 -5.52
CA PHE B 106 -31.30 -7.14 -4.43
C PHE B 106 -31.26 -8.34 -3.47
N ASN B 107 -32.36 -9.07 -3.35
CA ASN B 107 -32.49 -10.21 -2.42
C ASN B 107 -31.64 -11.35 -2.99
N ALA B 108 -31.87 -11.66 -4.27
CA ALA B 108 -31.13 -12.71 -5.02
C ALA B 108 -29.62 -12.43 -4.96
N ILE B 109 -29.19 -11.17 -5.09
CA ILE B 109 -27.74 -10.82 -5.07
C ILE B 109 -27.21 -11.02 -3.66
N ALA B 110 -28.02 -10.72 -2.66
CA ALA B 110 -27.61 -10.71 -1.23
C ALA B 110 -27.46 -12.14 -0.71
N THR B 111 -28.16 -13.09 -1.35
CA THR B 111 -28.39 -14.46 -0.83
C THR B 111 -27.86 -15.56 -1.76
N CYS B 112 -27.59 -15.31 -3.04
CA CYS B 112 -27.08 -16.35 -3.99
C CYS B 112 -25.69 -16.79 -3.53
N ASP B 113 -25.26 -17.99 -3.93
CA ASP B 113 -23.91 -18.52 -3.57
C ASP B 113 -22.89 -18.29 -4.69
N TRP B 114 -23.30 -17.72 -5.84
CA TRP B 114 -22.38 -17.32 -6.94
C TRP B 114 -21.80 -18.57 -7.65
N THR B 115 -22.50 -19.70 -7.60
CA THR B 115 -22.05 -20.99 -8.21
C THR B 115 -22.83 -21.20 -9.51
N ASN B 116 -23.94 -20.50 -9.71
CA ASN B 116 -24.79 -20.54 -10.94
C ASN B 116 -24.49 -19.33 -11.85
N ALA B 117 -24.57 -19.51 -13.17
CA ALA B 117 -24.29 -18.48 -14.18
C ALA B 117 -25.35 -17.38 -14.06
N GLY B 118 -26.61 -17.78 -13.84
CA GLY B 118 -27.76 -16.89 -13.58
C GLY B 118 -27.42 -15.80 -12.59
N ASP B 119 -26.44 -16.02 -11.71
CA ASP B 119 -26.12 -15.07 -10.62
C ASP B 119 -25.30 -13.91 -11.19
N TYR B 120 -24.37 -14.24 -12.10
CA TYR B 120 -23.45 -13.31 -12.80
C TYR B 120 -24.25 -12.54 -13.85
N ILE B 121 -25.24 -13.22 -14.47
CA ILE B 121 -26.13 -12.62 -15.49
C ILE B 121 -26.90 -11.48 -14.81
N LEU B 122 -27.45 -11.73 -13.62
CA LEU B 122 -28.22 -10.75 -12.84
C LEU B 122 -27.28 -9.57 -12.50
N ALA B 123 -26.06 -9.86 -12.06
CA ALA B 123 -25.12 -8.84 -11.51
C ALA B 123 -24.70 -7.90 -12.64
N ASN B 124 -25.05 -8.26 -13.87
CA ASN B 124 -24.62 -7.51 -15.07
C ASN B 124 -25.85 -6.90 -15.75
N THR B 125 -27.07 -7.38 -15.48
CA THR B 125 -28.31 -6.83 -16.09
C THR B 125 -29.10 -5.97 -15.10
N CYS B 126 -28.68 -5.90 -13.83
CA CYS B 126 -29.43 -5.18 -12.76
C CYS B 126 -29.12 -3.69 -12.86
N THR B 127 -29.63 -2.86 -11.96
CA THR B 127 -29.40 -1.39 -11.96
C THR B 127 -27.93 -1.17 -11.66
N GLU B 128 -27.39 0.00 -11.99
CA GLU B 128 -25.95 0.31 -11.85
C GLU B 128 -25.58 0.07 -10.38
N ARG B 129 -26.36 0.64 -9.47
CA ARG B 129 -26.01 0.64 -8.02
C ARG B 129 -25.94 -0.80 -7.51
N LEU B 130 -26.74 -1.69 -8.07
CA LEU B 130 -26.78 -3.11 -7.66
C LEU B 130 -25.65 -3.88 -8.34
N LYS B 131 -25.19 -3.46 -9.54
CA LYS B 131 -23.95 -3.96 -10.18
C LYS B 131 -22.77 -3.82 -9.23
N LEU B 132 -22.67 -2.70 -8.50
CA LEU B 132 -21.57 -2.46 -7.52
C LEU B 132 -21.77 -3.33 -6.29
N PHE B 133 -22.98 -3.39 -5.73
CA PHE B 133 -23.32 -4.29 -4.60
C PHE B 133 -22.97 -5.72 -5.02
N ALA B 134 -23.44 -6.20 -6.17
CA ALA B 134 -23.21 -7.59 -6.64
C ALA B 134 -21.70 -7.84 -6.73
N ALA B 135 -20.96 -6.88 -7.29
CA ALA B 135 -19.52 -7.01 -7.62
C ALA B 135 -18.75 -7.14 -6.31
N GLU B 136 -19.07 -6.27 -5.34
CA GLU B 136 -18.54 -6.30 -3.95
C GLU B 136 -18.87 -7.65 -3.29
N THR B 137 -20.12 -8.07 -3.40
CA THR B 137 -20.65 -9.24 -2.68
C THR B 137 -19.96 -10.47 -3.25
N LEU B 138 -19.72 -10.49 -4.56
CA LEU B 138 -19.09 -11.63 -5.26
C LEU B 138 -17.62 -11.69 -4.87
N LYS B 139 -16.93 -10.55 -4.84
CA LYS B 139 -15.48 -10.54 -4.54
C LYS B 139 -15.27 -11.01 -3.11
N ALA B 140 -16.06 -10.49 -2.17
CA ALA B 140 -16.00 -10.85 -0.74
C ALA B 140 -16.24 -12.36 -0.58
N THR B 141 -17.24 -12.92 -1.26
CA THR B 141 -17.53 -14.38 -1.24
C THR B 141 -16.33 -15.13 -1.82
N GLU B 142 -15.75 -14.62 -2.91
CA GLU B 142 -14.56 -15.23 -3.57
C GLU B 142 -13.40 -15.26 -2.57
N GLU B 143 -13.09 -14.16 -1.88
CA GLU B 143 -11.91 -14.04 -0.97
C GLU B 143 -12.13 -14.86 0.30
N THR B 144 -13.38 -15.08 0.68
CA THR B 144 -13.76 -15.79 1.94
C THR B 144 -13.76 -17.30 1.66
N PHE B 145 -14.00 -17.68 0.41
CA PHE B 145 -13.91 -19.09 -0.04
C PHE B 145 -12.44 -19.54 -0.09
N LYS B 146 -11.49 -18.61 -0.24
CA LYS B 146 -10.04 -18.92 -0.24
C LYS B 146 -9.59 -19.34 1.18
N LEU B 147 -10.21 -18.80 2.23
CA LEU B 147 -9.91 -19.13 3.66
C LEU B 147 -10.44 -20.54 3.97
N SER B 148 -11.44 -21.04 3.24
CA SER B 148 -12.06 -22.37 3.46
C SER B 148 -11.08 -23.48 3.07
N TYR B 149 -10.01 -23.15 2.35
CA TYR B 149 -8.99 -24.13 1.91
C TYR B 149 -7.99 -24.38 3.05
N GLY B 150 -7.48 -25.61 3.10
CA GLY B 150 -6.54 -26.00 4.15
C GLY B 150 -5.17 -25.44 3.87
N ILE B 151 -4.40 -25.20 4.93
CA ILE B 151 -2.96 -24.83 4.90
C ILE B 151 -2.20 -26.03 4.32
N ALA B 152 -1.26 -25.81 3.40
CA ALA B 152 -0.24 -26.81 2.99
C ALA B 152 1.08 -26.57 3.74
N THR B 153 1.72 -27.61 4.25
CA THR B 153 2.98 -27.51 5.03
C THR B 153 4.01 -28.44 4.38
N VAL B 154 5.24 -27.94 4.18
CA VAL B 154 6.42 -28.71 3.70
C VAL B 154 6.73 -29.78 4.75
N ARG B 155 6.55 -31.04 4.38
CA ARG B 155 6.84 -32.21 5.23
C ARG B 155 8.28 -32.67 4.97
N GLU B 156 8.78 -32.44 3.75
CA GLU B 156 10.09 -32.97 3.26
C GLU B 156 10.42 -32.21 1.98
N VAL B 157 11.62 -31.63 1.86
CA VAL B 157 12.05 -30.89 0.63
C VAL B 157 12.73 -31.89 -0.32
N LEU B 158 11.93 -32.74 -0.97
CA LEU B 158 12.38 -33.92 -1.76
C LEU B 158 13.63 -33.59 -2.55
N SER B 159 13.60 -32.49 -3.33
CA SER B 159 14.72 -31.97 -4.15
C SER B 159 14.54 -30.45 -4.33
N ASP B 160 15.09 -29.88 -5.40
CA ASP B 160 14.81 -28.48 -5.81
C ASP B 160 13.57 -28.48 -6.71
N ARG B 161 12.84 -27.36 -6.75
CA ARG B 161 11.56 -27.18 -7.50
C ARG B 161 10.62 -28.38 -7.29
N GLU B 162 10.74 -29.14 -6.19
CA GLU B 162 9.90 -30.32 -5.84
C GLU B 162 9.76 -30.44 -4.32
N LEU B 163 8.56 -30.81 -3.83
CA LEU B 163 8.19 -30.84 -2.38
C LEU B 163 7.30 -32.03 -2.04
N HIS B 164 7.26 -32.39 -0.75
CA HIS B 164 6.26 -33.28 -0.11
C HIS B 164 5.37 -32.41 0.79
N LEU B 165 4.09 -32.25 0.45
CA LEU B 165 3.18 -31.36 1.22
C LEU B 165 2.29 -32.19 2.15
N SER B 166 2.13 -31.70 3.39
CA SER B 166 1.13 -32.16 4.39
C SER B 166 -0.01 -31.14 4.42
N TRP B 167 -1.26 -31.61 4.33
CA TRP B 167 -2.46 -30.74 4.16
C TRP B 167 -3.31 -30.79 5.43
N GLU B 168 -3.73 -29.62 5.91
CA GLU B 168 -4.65 -29.42 7.07
C GLU B 168 -5.82 -30.41 6.96
N VAL B 169 -6.23 -30.97 8.10
CA VAL B 169 -7.34 -31.98 8.22
C VAL B 169 -8.69 -31.25 8.31
N GLY B 170 -9.72 -31.73 7.62
CA GLY B 170 -11.10 -31.25 7.76
C GLY B 170 -11.39 -29.99 6.98
N LYS B 171 -10.40 -29.48 6.23
CA LYS B 171 -10.55 -28.34 5.30
C LYS B 171 -10.12 -28.83 3.92
N PRO B 172 -10.90 -28.60 2.85
CA PRO B 172 -10.55 -29.07 1.51
C PRO B 172 -9.22 -28.49 0.99
N ARG B 173 -8.68 -29.15 -0.04
CA ARG B 173 -7.42 -28.80 -0.74
C ARG B 173 -7.76 -28.05 -2.02
N PRO B 174 -7.13 -26.88 -2.28
CA PRO B 174 -7.33 -26.17 -3.54
C PRO B 174 -6.79 -26.94 -4.74
N PRO B 175 -7.33 -26.70 -5.96
CA PRO B 175 -6.72 -27.18 -7.20
C PRO B 175 -5.29 -26.65 -7.39
N LEU B 176 -4.39 -27.48 -7.91
CA LEU B 176 -2.94 -27.15 -8.02
C LEU B 176 -2.61 -26.78 -9.48
N ASN B 177 -3.15 -25.65 -9.96
CA ASN B 177 -2.81 -25.03 -11.27
C ASN B 177 -2.36 -23.59 -11.05
N ARG B 178 -1.70 -22.99 -12.06
CA ARG B 178 -1.09 -21.63 -12.02
C ARG B 178 -2.17 -20.60 -11.66
N ASN B 179 -3.45 -20.97 -11.78
CA ASN B 179 -4.63 -20.17 -11.37
C ASN B 179 -4.65 -19.91 -9.85
N TYR B 180 -4.07 -20.81 -9.04
CA TYR B 180 -4.08 -20.71 -7.55
C TYR B 180 -2.68 -20.35 -7.05
N VAL B 181 -2.49 -19.09 -6.62
CA VAL B 181 -1.17 -18.55 -6.19
C VAL B 181 -1.13 -18.50 -4.66
N PHE B 182 -0.19 -19.24 -4.06
CA PHE B 182 0.02 -19.40 -2.60
C PHE B 182 1.03 -18.37 -2.12
N THR B 183 0.91 -17.95 -0.87
CA THR B 183 1.98 -17.25 -0.12
C THR B 183 2.69 -18.28 0.77
N GLY B 184 4.02 -18.24 0.83
CA GLY B 184 4.80 -19.05 1.77
C GLY B 184 4.96 -18.32 3.08
N TYR B 185 5.50 -18.99 4.10
CA TYR B 185 5.74 -18.41 5.46
C TYR B 185 6.77 -19.29 6.19
N ARG B 186 7.63 -18.67 7.02
CA ARG B 186 8.60 -19.36 7.92
C ARG B 186 8.18 -19.11 9.37
N VAL B 187 8.24 -20.13 10.22
CA VAL B 187 7.67 -20.12 11.60
C VAL B 187 8.63 -19.33 12.50
N THR B 188 8.40 -18.03 12.71
CA THR B 188 9.30 -17.14 13.51
C THR B 188 9.02 -17.33 15.00
N LYS B 189 9.92 -16.82 15.84
CA LYS B 189 9.87 -16.93 17.32
C LYS B 189 8.41 -17.02 17.78
N ASN B 190 7.62 -15.97 17.53
CA ASN B 190 6.24 -15.82 18.04
C ASN B 190 5.30 -15.26 16.95
N SER B 191 5.64 -15.41 15.67
CA SER B 191 4.74 -15.10 14.52
C SER B 191 5.29 -15.71 13.22
N LYS B 192 4.83 -15.21 12.06
CA LYS B 192 5.15 -15.74 10.71
C LYS B 192 5.70 -14.60 9.83
N VAL B 193 6.74 -14.87 9.03
CA VAL B 193 7.31 -13.89 8.06
C VAL B 193 7.12 -14.46 6.63
N GLN B 194 6.53 -13.65 5.75
CA GLN B 194 6.25 -14.00 4.32
C GLN B 194 7.57 -14.42 3.65
N ILE B 195 7.47 -15.29 2.64
CA ILE B 195 8.64 -15.86 1.90
C ILE B 195 8.31 -15.88 0.40
N GLY B 196 7.50 -14.92 -0.06
CA GLY B 196 7.11 -14.75 -1.48
C GLY B 196 5.92 -15.60 -1.89
N GLU B 197 5.37 -15.34 -3.09
CA GLU B 197 4.21 -16.06 -3.65
C GLU B 197 4.70 -17.32 -4.39
N TYR B 198 3.86 -18.36 -4.47
CA TYR B 198 4.16 -19.69 -5.07
C TYR B 198 2.95 -20.18 -5.87
N THR B 199 3.21 -21.02 -6.87
CA THR B 199 2.19 -21.89 -7.54
C THR B 199 2.71 -23.33 -7.48
N PHE B 200 1.80 -24.30 -7.65
CA PHE B 200 2.09 -25.76 -7.54
C PHE B 200 1.44 -26.52 -8.70
N GLU B 201 1.92 -27.74 -8.93
CA GLU B 201 1.49 -28.69 -9.98
C GLU B 201 1.89 -30.11 -9.53
N LYS B 202 1.09 -31.13 -9.85
CA LYS B 202 1.34 -32.55 -9.46
C LYS B 202 2.70 -33.02 -9.98
N GLY B 203 3.27 -34.06 -9.35
CA GLY B 203 4.52 -34.73 -9.75
C GLY B 203 4.30 -36.21 -10.05
N ALA B 208 4.03 -35.14 -3.21
CA ALA B 208 4.82 -35.22 -4.46
C ALA B 208 4.38 -34.10 -5.42
N VAL B 209 4.79 -32.86 -5.16
CA VAL B 209 4.33 -31.64 -5.92
C VAL B 209 5.55 -30.85 -6.40
N VAL B 210 5.33 -29.93 -7.35
CA VAL B 210 6.36 -29.14 -8.07
C VAL B 210 6.03 -27.64 -7.89
N TYR B 211 6.96 -26.81 -7.42
CA TYR B 211 6.69 -25.38 -7.10
C TYR B 211 7.38 -24.44 -8.09
N ARG B 212 6.60 -23.56 -8.73
CA ARG B 212 7.09 -22.43 -9.57
C ARG B 212 6.96 -21.12 -8.76
N GLY B 213 7.90 -20.90 -7.84
CA GLY B 213 7.86 -19.77 -6.88
C GLY B 213 8.11 -18.43 -7.54
N THR B 214 7.40 -17.37 -7.09
CA THR B 214 7.60 -15.95 -7.46
C THR B 214 8.80 -15.38 -6.70
N THR B 215 9.86 -16.19 -6.53
CA THR B 215 11.14 -15.85 -5.88
C THR B 215 11.95 -17.14 -5.68
N THR B 216 13.26 -17.00 -5.46
CA THR B 216 14.18 -18.13 -5.12
C THR B 216 14.38 -18.12 -3.60
N TYR B 217 14.29 -19.29 -2.96
CA TYR B 217 14.44 -19.51 -1.49
C TYR B 217 14.94 -20.93 -1.23
N LYS B 218 15.66 -21.13 -0.13
CA LYS B 218 16.13 -22.47 0.32
C LYS B 218 15.06 -23.06 1.23
N LEU B 219 13.78 -22.96 0.84
CA LEU B 219 12.62 -23.29 1.71
C LEU B 219 12.76 -24.72 2.23
N ASN B 220 12.65 -24.88 3.55
CA ASN B 220 12.85 -26.16 4.28
C ASN B 220 11.54 -26.54 4.97
N VAL B 221 11.52 -27.76 5.53
CA VAL B 221 10.36 -28.37 6.26
C VAL B 221 9.79 -27.34 7.23
N GLY B 222 8.46 -27.39 7.45
CA GLY B 222 7.75 -26.54 8.44
C GLY B 222 7.24 -25.25 7.83
N ASP B 223 7.80 -24.81 6.71
CA ASP B 223 7.27 -23.66 5.92
C ASP B 223 5.90 -24.08 5.38
N TYR B 224 4.94 -23.17 5.35
CA TYR B 224 3.53 -23.47 4.98
C TYR B 224 3.04 -22.43 3.99
N PHE B 225 1.93 -22.74 3.32
CA PHE B 225 1.39 -22.03 2.13
C PHE B 225 -0.12 -21.80 2.27
N VAL B 226 -0.52 -20.54 2.18
CA VAL B 226 -1.96 -20.12 2.16
C VAL B 226 -2.15 -19.24 0.92
N LEU B 227 -3.32 -19.35 0.29
CA LEU B 227 -3.74 -18.49 -0.84
C LEU B 227 -3.84 -17.05 -0.36
N THR B 228 -3.35 -16.09 -1.15
CA THR B 228 -3.23 -14.66 -0.73
C THR B 228 -4.62 -14.03 -0.83
N SER B 229 -5.28 -13.82 0.32
CA SER B 229 -6.66 -13.29 0.47
C SER B 229 -6.62 -11.81 0.92
N HIS B 230 -7.12 -10.88 0.10
CA HIS B 230 -7.04 -9.41 0.37
C HIS B 230 -8.42 -8.83 0.70
N THR B 231 -8.45 -7.88 1.65
CA THR B 231 -9.64 -7.08 2.07
C THR B 231 -10.30 -6.44 0.85
N VAL B 232 -11.62 -6.62 0.68
CA VAL B 232 -12.44 -6.08 -0.44
C VAL B 232 -13.02 -4.73 0.00
N MET B 233 -12.55 -3.62 -0.57
CA MET B 233 -13.07 -2.26 -0.26
C MET B 233 -14.44 -2.08 -0.89
N PRO B 234 -15.28 -1.13 -0.39
CA PRO B 234 -16.59 -0.89 -0.96
C PRO B 234 -16.50 -0.02 -2.23
N LEU B 235 -17.47 -0.19 -3.13
CA LEU B 235 -17.48 0.41 -4.48
C LEU B 235 -18.38 1.65 -4.43
N SER B 236 -17.91 2.78 -4.99
CA SER B 236 -18.66 4.06 -5.04
C SER B 236 -19.01 4.38 -6.48
N ALA B 237 -18.00 4.55 -7.33
CA ALA B 237 -18.11 4.93 -8.76
C ALA B 237 -18.80 3.82 -9.57
N PRO B 238 -19.54 4.18 -10.66
CA PRO B 238 -20.18 3.18 -11.52
C PRO B 238 -19.19 2.44 -12.42
N THR B 239 -19.66 1.37 -13.06
CA THR B 239 -18.81 0.51 -13.90
C THR B 239 -18.48 1.23 -15.21
N LEU B 240 -19.41 2.07 -15.68
CA LEU B 240 -19.27 3.02 -16.82
C LEU B 240 -19.80 4.41 -16.43
N VAL B 241 -19.05 5.46 -16.75
CA VAL B 241 -19.54 6.85 -16.60
C VAL B 241 -20.70 6.98 -17.57
N PRO B 242 -21.53 8.04 -17.46
CA PRO B 242 -22.57 8.28 -18.47
C PRO B 242 -21.92 8.67 -19.80
N GLN B 243 -22.36 8.05 -20.89
CA GLN B 243 -21.79 8.29 -22.24
C GLN B 243 -22.13 9.71 -22.68
N GLU B 244 -21.21 10.35 -23.37
CA GLU B 244 -21.43 11.66 -24.02
C GLU B 244 -20.82 11.61 -25.43
N HIS B 245 -21.60 11.94 -26.46
CA HIS B 245 -21.12 12.16 -27.85
C HIS B 245 -20.86 13.65 -28.07
N TYR B 246 -19.80 13.95 -28.81
CA TYR B 246 -19.33 15.33 -29.06
C TYR B 246 -19.38 15.55 -30.57
N VAL B 247 -19.35 16.81 -30.96
CA VAL B 247 -19.50 17.23 -32.39
C VAL B 247 -18.10 17.60 -32.90
N ARG B 248 -17.15 17.83 -32.00
CA ARG B 248 -15.72 18.06 -32.27
C ARG B 248 -14.89 17.24 -31.27
N ILE B 249 -13.62 17.03 -31.56
CA ILE B 249 -12.66 16.39 -30.63
C ILE B 249 -12.50 17.34 -29.45
N THR B 250 -12.56 16.82 -28.23
CA THR B 250 -12.78 17.57 -26.98
C THR B 250 -11.55 17.40 -26.09
N GLY B 251 -10.80 18.48 -25.88
CA GLY B 251 -9.70 18.54 -24.90
C GLY B 251 -8.48 17.77 -25.35
N LEU B 252 -8.46 17.34 -26.61
CA LEU B 252 -7.28 16.68 -27.20
C LEU B 252 -6.90 17.52 -28.42
N TYR B 253 -5.61 17.59 -28.74
CA TYR B 253 -5.03 18.40 -29.85
C TYR B 253 -4.22 17.48 -30.75
N PRO B 254 -4.84 17.00 -31.87
CA PRO B 254 -4.21 16.04 -32.76
C PRO B 254 -2.97 16.62 -33.45
N THR B 255 -2.03 15.72 -33.74
CA THR B 255 -0.73 16.00 -34.41
C THR B 255 -1.03 16.40 -35.86
N LEU B 256 -0.12 17.19 -36.44
CA LEU B 256 -0.19 17.52 -37.89
C LEU B 256 0.49 16.41 -38.70
N ASN B 257 1.66 15.93 -38.25
CA ASN B 257 2.48 14.91 -38.95
C ASN B 257 2.39 13.61 -38.14
N ILE B 258 1.87 12.55 -38.76
CA ILE B 258 1.84 11.17 -38.18
C ILE B 258 2.55 10.20 -39.13
N SER B 259 3.06 9.09 -38.62
CA SER B 259 3.82 8.12 -39.44
C SER B 259 2.85 7.13 -40.07
N ASP B 260 3.21 6.55 -41.21
CA ASP B 260 2.35 5.55 -41.89
C ASP B 260 2.17 4.31 -41.01
N GLU B 261 2.94 4.20 -39.92
CA GLU B 261 2.84 3.11 -38.90
C GLU B 261 1.48 3.17 -38.19
N PHE B 262 0.97 4.36 -37.91
CA PHE B 262 -0.27 4.62 -37.12
C PHE B 262 -1.41 5.22 -37.96
N SER B 263 -1.22 5.42 -39.27
CA SER B 263 -2.18 6.10 -40.17
C SER B 263 -3.50 5.33 -40.22
N SER B 264 -3.46 4.00 -40.12
CA SER B 264 -4.65 3.11 -40.18
C SER B 264 -5.60 3.39 -39.00
N ASN B 265 -5.12 4.08 -37.95
CA ASN B 265 -5.92 4.31 -36.72
C ASN B 265 -6.30 5.79 -36.54
N VAL B 266 -6.08 6.65 -37.54
CA VAL B 266 -6.30 8.11 -37.37
C VAL B 266 -7.81 8.38 -37.22
N ALA B 267 -8.67 7.81 -38.05
CA ALA B 267 -10.13 7.88 -37.90
C ALA B 267 -10.52 7.39 -36.51
N ASN B 268 -10.04 6.20 -36.12
CA ASN B 268 -10.39 5.61 -34.80
C ASN B 268 -9.94 6.55 -33.67
N TYR B 269 -8.77 7.19 -33.76
CA TYR B 269 -8.24 8.10 -32.71
C TYR B 269 -9.13 9.34 -32.62
N GLN B 270 -9.86 9.61 -33.71
CA GLN B 270 -10.69 10.85 -33.82
C GLN B 270 -11.99 10.53 -33.08
N LYS B 271 -12.59 9.39 -33.41
CA LYS B 271 -13.71 8.82 -32.61
C LYS B 271 -13.41 8.94 -31.12
N VAL B 272 -12.20 8.56 -30.70
CA VAL B 272 -11.84 8.56 -29.25
C VAL B 272 -12.03 9.97 -28.67
N GLY B 273 -11.79 11.03 -29.42
CA GLY B 273 -11.88 12.41 -28.90
C GLY B 273 -13.28 12.98 -29.04
N MET B 274 -14.18 12.25 -29.66
CA MET B 274 -15.56 12.71 -29.95
C MET B 274 -16.60 11.91 -29.16
N GLN B 275 -16.19 11.09 -28.18
CA GLN B 275 -17.10 10.49 -27.16
C GLN B 275 -16.36 10.43 -25.84
N LYS B 276 -17.12 10.24 -24.76
CA LYS B 276 -16.57 10.22 -23.39
C LYS B 276 -15.81 8.90 -23.19
N TYR B 277 -16.40 7.80 -23.66
CA TYR B 277 -15.75 6.49 -23.60
C TYR B 277 -16.04 5.78 -24.91
N SER B 278 -15.09 4.95 -25.31
CA SER B 278 -15.10 4.24 -26.62
C SER B 278 -14.58 2.83 -26.38
N THR B 279 -15.16 1.86 -27.06
CA THR B 279 -14.82 0.44 -26.96
C THR B 279 -14.07 0.06 -28.25
N LEU B 280 -12.96 -0.65 -28.10
CA LEU B 280 -12.16 -1.18 -29.24
C LEU B 280 -12.08 -2.71 -29.12
N GLN B 281 -12.74 -3.44 -30.01
CA GLN B 281 -12.56 -4.91 -30.13
C GLN B 281 -11.34 -5.18 -31.01
N GLY B 282 -10.29 -5.69 -30.40
CA GLY B 282 -9.09 -6.15 -31.13
C GLY B 282 -8.95 -7.66 -31.07
N PRO B 283 -9.36 -8.38 -32.13
CA PRO B 283 -9.02 -9.80 -32.26
C PRO B 283 -7.54 -10.11 -32.10
N PRO B 284 -7.16 -11.40 -32.00
CA PRO B 284 -5.75 -11.76 -31.83
C PRO B 284 -4.90 -11.14 -32.95
N GLY B 285 -3.87 -10.38 -32.59
CA GLY B 285 -2.80 -9.95 -33.51
C GLY B 285 -3.24 -8.86 -34.47
N THR B 286 -4.30 -8.12 -34.12
CA THR B 286 -4.89 -7.05 -34.95
C THR B 286 -4.27 -5.71 -34.58
N GLY B 287 -3.57 -5.59 -33.44
CA GLY B 287 -2.79 -4.38 -33.14
C GLY B 287 -3.28 -3.57 -31.93
N LYS B 288 -3.77 -4.23 -30.88
CA LYS B 288 -4.32 -3.50 -29.70
C LYS B 288 -3.27 -2.55 -29.11
N SER B 289 -2.07 -3.03 -28.75
CA SER B 289 -1.06 -2.24 -28.00
C SER B 289 -0.49 -1.16 -28.93
N HIS B 290 -0.44 -1.44 -30.23
CA HIS B 290 0.04 -0.50 -31.26
C HIS B 290 -0.96 0.65 -31.34
N PHE B 291 -2.27 0.32 -31.44
CA PHE B 291 -3.38 1.28 -31.25
C PHE B 291 -3.20 2.10 -29.99
N ALA B 292 -3.05 1.45 -28.85
CA ALA B 292 -2.93 2.12 -27.53
C ALA B 292 -1.77 3.13 -27.52
N ILE B 293 -0.60 2.78 -28.03
CA ILE B 293 0.62 3.67 -27.97
C ILE B 293 0.44 4.79 -29.00
N GLY B 294 -0.07 4.44 -30.17
CA GLY B 294 -0.27 5.39 -31.28
C GLY B 294 -1.19 6.55 -30.89
N LEU B 295 -2.11 6.30 -29.96
CA LEU B 295 -3.05 7.31 -29.46
C LEU B 295 -2.23 8.45 -28.85
N ALA B 296 -1.11 8.14 -28.18
CA ALA B 296 -0.22 9.15 -27.54
C ALA B 296 0.46 10.02 -28.61
N LEU B 297 0.93 9.41 -29.69
CA LEU B 297 1.64 10.09 -30.80
C LEU B 297 0.65 10.98 -31.57
N TYR B 298 -0.58 10.52 -31.68
CA TYR B 298 -1.68 11.28 -32.32
C TYR B 298 -2.10 12.47 -31.44
N TYR B 299 -2.19 12.29 -30.12
CA TYR B 299 -2.54 13.39 -29.17
C TYR B 299 -1.30 13.72 -28.32
N PRO B 300 -0.21 14.25 -28.92
CA PRO B 300 1.11 14.27 -28.28
C PRO B 300 1.16 14.95 -26.91
N SER B 301 0.34 15.99 -26.70
CA SER B 301 0.25 16.82 -25.47
C SER B 301 -0.56 16.10 -24.38
N ALA B 302 -1.42 15.12 -24.74
CA ALA B 302 -2.38 14.46 -23.83
C ALA B 302 -1.65 13.64 -22.77
N ARG B 303 -2.05 13.81 -21.50
CA ARG B 303 -1.65 12.94 -20.37
C ARG B 303 -2.51 11.67 -20.43
N ILE B 304 -1.87 10.50 -20.56
CA ILE B 304 -2.55 9.19 -20.73
C ILE B 304 -2.08 8.29 -19.59
N VAL B 305 -3.05 7.72 -18.87
CA VAL B 305 -2.85 6.62 -17.89
C VAL B 305 -3.25 5.35 -18.62
N TYR B 306 -2.30 4.41 -18.74
CA TYR B 306 -2.48 3.06 -19.31
C TYR B 306 -2.67 2.10 -18.13
N THR B 307 -3.74 1.31 -18.17
CA THR B 307 -4.12 0.44 -17.05
C THR B 307 -4.59 -0.87 -17.63
N ALA B 308 -4.49 -1.92 -16.83
CA ALA B 308 -5.01 -3.28 -17.07
C ALA B 308 -5.02 -4.03 -15.73
N CYS B 309 -5.63 -5.20 -15.70
CA CYS B 309 -5.78 -5.94 -14.44
C CYS B 309 -4.41 -6.52 -14.09
N SER B 310 -3.77 -7.19 -15.04
CA SER B 310 -2.51 -7.96 -14.79
C SER B 310 -1.29 -7.06 -14.91
N HIS B 311 -0.26 -7.37 -14.15
CA HIS B 311 1.08 -6.80 -14.33
C HIS B 311 1.57 -7.07 -15.76
N ALA B 312 1.34 -8.27 -16.31
CA ALA B 312 1.76 -8.68 -17.67
C ALA B 312 1.17 -7.71 -18.71
N ALA B 313 -0.13 -7.43 -18.64
CA ALA B 313 -0.83 -6.59 -19.63
C ALA B 313 -0.21 -5.20 -19.56
N VAL B 314 0.03 -4.71 -18.36
CA VAL B 314 0.61 -3.34 -18.22
C VAL B 314 2.04 -3.34 -18.77
N ASP B 315 2.83 -4.36 -18.44
CA ASP B 315 4.25 -4.47 -18.85
C ASP B 315 4.33 -4.50 -20.38
N ALA B 316 3.46 -5.29 -21.03
CA ALA B 316 3.31 -5.35 -22.49
C ALA B 316 3.03 -3.94 -23.06
N LEU B 317 2.10 -3.18 -22.47
CA LEU B 317 1.90 -1.78 -22.89
C LEU B 317 3.20 -1.00 -22.69
N CYS B 318 3.95 -1.24 -21.61
CA CYS B 318 5.23 -0.57 -21.31
C CYS B 318 6.29 -0.89 -22.39
N GLU B 319 6.35 -2.14 -22.88
CA GLU B 319 7.33 -2.57 -23.89
C GLU B 319 7.06 -1.80 -25.17
N LYS B 320 5.79 -1.71 -25.56
CA LYS B 320 5.37 -0.98 -26.78
C LYS B 320 5.73 0.50 -26.56
N ALA B 321 5.47 1.06 -25.40
CA ALA B 321 5.69 2.50 -25.12
C ALA B 321 7.20 2.81 -25.18
N LEU B 322 8.01 1.83 -24.79
CA LEU B 322 9.48 1.96 -24.70
C LEU B 322 10.04 2.17 -26.12
N LYS B 323 9.37 1.59 -27.12
CA LYS B 323 9.73 1.61 -28.55
C LYS B 323 9.29 2.91 -29.27
N TYR B 324 8.38 3.74 -28.72
CA TYR B 324 7.74 4.84 -29.50
C TYR B 324 7.64 6.17 -28.73
N LEU B 325 7.60 6.15 -27.40
CA LEU B 325 7.33 7.33 -26.55
C LEU B 325 8.58 7.68 -25.77
N PRO B 326 8.84 8.96 -25.46
CA PRO B 326 10.02 9.34 -24.69
C PRO B 326 10.02 8.68 -23.30
N ILE B 327 11.07 7.93 -22.99
CA ILE B 327 11.23 7.20 -21.70
C ILE B 327 11.10 8.19 -20.53
N ASP B 328 11.62 9.41 -20.65
CA ASP B 328 11.65 10.40 -19.54
C ASP B 328 10.24 10.98 -19.30
N LYS B 329 9.26 10.63 -20.15
CA LYS B 329 7.83 11.06 -20.04
C LYS B 329 6.95 9.92 -19.48
N CYS B 330 7.53 8.74 -19.28
CA CYS B 330 6.83 7.53 -18.79
C CYS B 330 7.12 7.28 -17.30
N SER B 331 6.20 6.63 -16.60
CA SER B 331 6.37 6.12 -15.23
C SER B 331 5.60 4.80 -15.10
N ARG B 332 6.22 3.79 -14.50
CA ARG B 332 5.56 2.56 -14.05
C ARG B 332 5.20 2.71 -12.57
N ILE B 333 3.91 2.62 -12.23
CA ILE B 333 3.41 2.61 -10.82
C ILE B 333 3.49 1.16 -10.31
N ILE B 334 4.28 0.98 -9.25
CA ILE B 334 4.50 -0.29 -8.51
C ILE B 334 4.09 -0.03 -7.06
N PRO B 335 3.14 -0.83 -6.54
CA PRO B 335 2.76 -0.77 -5.13
C PRO B 335 3.83 -1.47 -4.27
N ALA B 336 4.11 -0.94 -3.07
CA ALA B 336 5.02 -1.55 -2.06
C ALA B 336 4.47 -2.92 -1.65
N VAL B 340 6.39 -9.22 -6.75
CA VAL B 340 6.19 -9.39 -8.23
C VAL B 340 7.18 -8.49 -8.98
N GLU B 341 8.02 -9.08 -9.83
CA GLU B 341 9.02 -8.35 -10.65
C GLU B 341 8.36 -8.04 -12.00
N CYS B 342 8.17 -6.75 -12.28
CA CYS B 342 7.45 -6.26 -13.48
C CYS B 342 8.42 -5.45 -14.36
N PHE B 343 8.03 -4.28 -14.85
CA PHE B 343 8.79 -3.50 -15.86
C PHE B 343 9.62 -2.44 -15.13
N ASP B 344 10.94 -2.43 -15.32
CA ASP B 344 11.86 -1.56 -14.52
C ASP B 344 12.65 -0.59 -15.41
N LYS B 345 12.15 -0.22 -16.59
CA LYS B 345 12.87 0.70 -17.50
C LYS B 345 12.36 2.15 -17.34
N PHE B 346 11.25 2.38 -16.61
CA PHE B 346 10.65 3.73 -16.45
C PHE B 346 10.89 4.18 -15.00
N LYS B 347 10.95 5.49 -14.73
CA LYS B 347 11.07 6.01 -13.33
C LYS B 347 9.85 5.52 -12.54
N VAL B 348 10.06 4.89 -11.39
CA VAL B 348 8.99 4.16 -10.64
C VAL B 348 8.21 5.15 -9.77
N ASN B 349 6.88 4.99 -9.75
CA ASN B 349 5.91 5.68 -8.85
C ASN B 349 5.95 7.21 -9.02
N SER B 350 6.25 7.72 -10.22
CA SER B 350 6.17 9.16 -10.58
C SER B 350 4.77 9.43 -11.19
N THR B 351 3.81 9.68 -10.29
CA THR B 351 2.35 9.73 -10.58
C THR B 351 2.04 10.90 -11.52
N LEU B 352 2.90 11.91 -11.62
CA LEU B 352 2.62 13.13 -12.42
C LEU B 352 3.30 13.10 -13.79
N GLU B 353 3.88 11.95 -14.17
CA GLU B 353 4.52 11.76 -15.51
C GLU B 353 3.41 11.75 -16.57
N GLN B 354 3.68 12.27 -17.77
CA GLN B 354 2.67 12.38 -18.86
C GLN B 354 2.07 11.00 -19.16
N TYR B 355 2.87 9.93 -19.09
CA TYR B 355 2.43 8.54 -19.41
C TYR B 355 2.59 7.67 -18.17
N VAL B 356 1.48 7.19 -17.61
CA VAL B 356 1.47 6.40 -16.35
C VAL B 356 0.95 5.01 -16.68
N PHE B 357 1.74 3.97 -16.37
CA PHE B 357 1.43 2.54 -16.60
C PHE B 357 1.31 1.91 -15.22
N CYS B 358 0.25 1.15 -14.99
CA CYS B 358 -0.23 0.86 -13.63
C CYS B 358 -1.41 -0.09 -13.70
N THR B 359 -1.36 -1.17 -12.92
CA THR B 359 -2.49 -2.12 -12.76
C THR B 359 -3.63 -1.40 -12.03
N VAL B 360 -4.85 -1.91 -12.19
CA VAL B 360 -6.07 -1.32 -11.55
C VAL B 360 -5.88 -1.17 -10.03
N ASN B 361 -5.49 -2.21 -9.29
CA ASN B 361 -5.54 -2.12 -7.79
C ASN B 361 -4.36 -1.29 -7.25
N ALA B 362 -3.43 -0.83 -8.08
CA ALA B 362 -2.33 0.07 -7.67
C ALA B 362 -2.61 1.53 -8.08
N LEU B 363 -3.74 1.79 -8.75
CA LEU B 363 -3.98 3.12 -9.38
C LEU B 363 -3.99 4.17 -8.27
N PRO B 364 -3.34 5.31 -8.49
CA PRO B 364 -3.50 6.46 -7.62
C PRO B 364 -4.71 7.33 -7.99
N GLU B 365 -5.07 8.24 -7.09
CA GLU B 365 -6.22 9.16 -7.28
C GLU B 365 -5.66 10.34 -8.06
N THR B 366 -5.90 10.37 -9.37
CA THR B 366 -5.36 11.38 -10.33
C THR B 366 -6.42 11.64 -11.41
N THR B 367 -6.16 12.63 -12.25
CA THR B 367 -6.92 12.91 -13.49
C THR B 367 -6.04 12.59 -14.69
N ALA B 368 -6.60 12.61 -15.89
CA ALA B 368 -5.85 12.34 -17.14
C ALA B 368 -6.67 12.84 -18.33
N ASP B 369 -5.99 13.14 -19.44
CA ASP B 369 -6.66 13.49 -20.70
C ASP B 369 -7.30 12.21 -21.24
N ILE B 370 -6.54 11.12 -21.37
CA ILE B 370 -7.11 9.81 -21.79
C ILE B 370 -6.79 8.75 -20.72
N VAL B 371 -7.71 7.85 -20.45
CA VAL B 371 -7.41 6.58 -19.74
C VAL B 371 -7.60 5.46 -20.76
N VAL B 372 -6.57 4.61 -20.93
CA VAL B 372 -6.65 3.35 -21.73
C VAL B 372 -6.69 2.21 -20.72
N PHE B 373 -7.70 1.35 -20.81
CA PHE B 373 -7.86 0.14 -20.00
C PHE B 373 -7.78 -1.04 -20.98
N ASP B 374 -6.73 -1.86 -20.88
CA ASP B 374 -6.46 -2.94 -21.88
C ASP B 374 -6.92 -4.27 -21.32
N GLU B 375 -7.02 -5.24 -22.20
CA GLU B 375 -7.42 -6.63 -21.91
C GLU B 375 -8.73 -6.57 -21.10
N ILE B 376 -9.77 -6.01 -21.71
CA ILE B 376 -11.06 -5.66 -21.04
C ILE B 376 -11.85 -6.93 -20.76
N SER B 377 -11.70 -8.01 -21.53
CA SER B 377 -12.40 -9.30 -21.31
C SER B 377 -12.05 -9.84 -19.92
N MET B 378 -10.88 -9.49 -19.39
CA MET B 378 -10.36 -10.06 -18.10
C MET B 378 -10.87 -9.22 -16.93
N ALA B 379 -11.41 -8.03 -17.16
CA ALA B 379 -11.90 -7.16 -16.07
C ALA B 379 -13.22 -7.69 -15.52
N THR B 380 -13.43 -7.42 -14.24
CA THR B 380 -14.72 -7.61 -13.53
C THR B 380 -15.32 -6.23 -13.33
N ASN B 381 -16.61 -6.20 -13.00
CA ASN B 381 -17.31 -4.92 -12.74
C ASN B 381 -16.66 -4.27 -11.55
N TYR B 382 -16.14 -5.07 -10.62
CA TYR B 382 -15.33 -4.57 -9.49
C TYR B 382 -14.20 -3.68 -10.03
N ASP B 383 -13.38 -4.21 -10.94
CA ASP B 383 -12.24 -3.46 -11.55
C ASP B 383 -12.75 -2.21 -12.27
N LEU B 384 -13.80 -2.38 -13.09
CA LEU B 384 -14.40 -1.24 -13.84
C LEU B 384 -14.72 -0.09 -12.89
N SER B 385 -15.27 -0.37 -11.71
CA SER B 385 -15.74 0.68 -10.79
C SER B 385 -14.54 1.36 -10.13
N VAL B 386 -13.50 0.57 -9.88
CA VAL B 386 -12.27 1.07 -9.21
C VAL B 386 -11.60 2.09 -10.13
N VAL B 387 -11.61 1.84 -11.43
CA VAL B 387 -10.91 2.75 -12.38
C VAL B 387 -11.66 4.08 -12.38
N ASN B 388 -12.99 4.00 -12.45
CA ASN B 388 -13.88 5.20 -12.49
C ASN B 388 -13.70 6.02 -11.20
N ALA B 389 -13.42 5.36 -10.08
CA ALA B 389 -13.27 5.97 -8.73
C ALA B 389 -11.86 6.58 -8.57
N ARG B 390 -10.83 5.98 -9.17
CA ARG B 390 -9.42 6.42 -9.04
C ARG B 390 -9.09 7.49 -10.10
N LEU B 391 -9.58 7.33 -11.34
CA LEU B 391 -9.18 8.15 -12.54
C LEU B 391 -10.33 8.99 -13.08
N ARG B 392 -10.24 10.31 -12.95
CA ARG B 392 -11.24 11.24 -13.54
C ARG B 392 -10.63 11.78 -14.84
N ALA B 393 -11.17 11.38 -16.00
CA ALA B 393 -10.54 11.58 -17.32
C ALA B 393 -11.52 12.23 -18.33
N LYS B 394 -11.00 12.97 -19.30
CA LYS B 394 -11.81 13.51 -20.41
C LYS B 394 -12.29 12.35 -21.27
N HIS B 395 -11.46 11.33 -21.48
CA HIS B 395 -11.77 10.20 -22.39
C HIS B 395 -11.31 8.90 -21.76
N TYR B 396 -12.08 7.84 -21.95
CA TYR B 396 -11.80 6.48 -21.48
C TYR B 396 -11.84 5.61 -22.72
N VAL B 397 -10.79 4.81 -22.95
CA VAL B 397 -10.76 3.84 -24.07
C VAL B 397 -10.65 2.44 -23.46
N TYR B 398 -11.57 1.54 -23.80
CA TYR B 398 -11.62 0.15 -23.34
C TYR B 398 -11.23 -0.74 -24.52
N ILE B 399 -10.05 -1.35 -24.44
CA ILE B 399 -9.47 -2.21 -25.51
C ILE B 399 -9.50 -3.66 -25.04
N GLY B 400 -9.94 -4.56 -25.90
CA GLY B 400 -9.94 -6.00 -25.59
C GLY B 400 -10.69 -6.74 -26.66
N ASP B 401 -11.22 -7.91 -26.32
CA ASP B 401 -11.94 -8.80 -27.26
C ASP B 401 -12.87 -9.65 -26.40
N PRO B 402 -14.19 -9.43 -26.43
CA PRO B 402 -15.11 -10.26 -25.67
C PRO B 402 -15.15 -11.70 -26.21
N ALA B 403 -14.40 -11.98 -27.28
CA ALA B 403 -14.24 -13.33 -27.88
C ALA B 403 -13.03 -14.03 -27.28
N GLN B 404 -12.22 -13.30 -26.51
CA GLN B 404 -11.13 -13.93 -25.73
C GLN B 404 -11.64 -14.28 -24.32
N LEU B 405 -10.72 -14.56 -23.39
CA LEU B 405 -11.05 -15.25 -22.12
C LEU B 405 -11.30 -14.22 -21.03
N PRO B 406 -12.30 -14.49 -20.15
CA PRO B 406 -12.63 -13.61 -19.04
C PRO B 406 -11.77 -13.93 -17.82
N ALA B 407 -11.76 -13.09 -16.78
CA ALA B 407 -11.26 -13.45 -15.43
C ALA B 407 -11.85 -14.78 -15.02
N PRO B 408 -11.09 -15.66 -14.33
CA PRO B 408 -11.65 -16.91 -13.85
C PRO B 408 -12.72 -16.58 -12.79
N ARG B 409 -13.84 -17.29 -12.84
CA ARG B 409 -14.93 -17.20 -11.82
C ARG B 409 -14.84 -18.48 -10.98
N THR B 410 -14.00 -18.47 -9.93
CA THR B 410 -13.64 -19.67 -9.12
C THR B 410 -14.89 -20.33 -8.55
N LEU B 411 -15.90 -19.57 -8.15
CA LEU B 411 -17.12 -20.09 -7.49
C LEU B 411 -18.08 -20.70 -8.51
N LEU B 412 -17.93 -20.41 -9.80
CA LEU B 412 -18.98 -20.75 -10.81
C LEU B 412 -18.75 -22.19 -11.28
N THR B 413 -19.81 -23.03 -11.24
CA THR B 413 -19.74 -24.46 -11.59
C THR B 413 -20.98 -24.87 -12.42
N LYS B 414 -22.07 -24.13 -12.34
CA LYS B 414 -23.35 -24.49 -13.03
C LYS B 414 -23.70 -23.41 -14.06
N GLY B 415 -23.63 -23.76 -15.35
CA GLY B 415 -23.85 -22.82 -16.47
C GLY B 415 -22.52 -22.33 -17.04
N THR B 416 -22.54 -21.85 -18.28
CA THR B 416 -21.40 -21.15 -18.92
C THR B 416 -21.67 -19.64 -18.87
N LEU B 417 -20.65 -18.84 -18.58
CA LEU B 417 -20.74 -17.35 -18.57
C LEU B 417 -20.54 -16.85 -20.00
N GLU B 418 -21.55 -16.25 -20.61
CA GLU B 418 -21.45 -15.72 -22.00
C GLU B 418 -20.74 -14.35 -21.98
N PRO B 419 -20.03 -13.98 -23.08
CA PRO B 419 -19.22 -12.76 -23.11
C PRO B 419 -19.98 -11.45 -22.82
N GLU B 420 -21.28 -11.41 -23.14
CA GLU B 420 -22.14 -10.24 -22.82
C GLU B 420 -22.28 -10.07 -21.30
N TYR B 421 -21.81 -11.04 -20.49
CA TYR B 421 -21.94 -11.01 -19.02
C TYR B 421 -20.57 -10.97 -18.30
N PHE B 422 -19.45 -10.85 -19.01
CA PHE B 422 -18.09 -10.77 -18.40
C PHE B 422 -17.98 -9.47 -17.62
N ASN B 423 -18.42 -8.35 -18.18
CA ASN B 423 -18.42 -7.04 -17.47
C ASN B 423 -19.32 -6.08 -18.27
N SER B 424 -19.56 -4.87 -17.74
CA SER B 424 -20.39 -3.81 -18.36
C SER B 424 -19.84 -3.54 -19.78
N VAL B 425 -18.52 -3.37 -19.91
CA VAL B 425 -17.89 -3.05 -21.22
C VAL B 425 -18.18 -4.17 -22.22
N CYS B 426 -17.98 -5.44 -21.87
CA CYS B 426 -18.21 -6.55 -22.83
C CYS B 426 -19.71 -6.64 -23.11
N ARG B 427 -20.55 -6.23 -22.17
CA ARG B 427 -22.02 -6.22 -22.38
C ARG B 427 -22.33 -5.26 -23.55
N LEU B 428 -21.82 -4.03 -23.48
CA LEU B 428 -21.95 -3.09 -24.61
C LEU B 428 -21.44 -3.73 -25.91
N MET B 429 -20.21 -4.27 -25.94
CA MET B 429 -19.59 -4.73 -27.22
C MET B 429 -20.44 -5.85 -27.82
N LYS B 430 -21.18 -6.61 -27.02
CA LYS B 430 -21.97 -7.75 -27.55
C LYS B 430 -23.42 -7.36 -27.90
N THR B 431 -23.94 -6.25 -27.36
CA THR B 431 -25.34 -5.80 -27.54
C THR B 431 -25.38 -4.66 -28.57
N ILE B 432 -24.77 -3.49 -28.31
CA ILE B 432 -24.74 -2.35 -29.28
C ILE B 432 -23.50 -2.44 -30.18
N GLY B 433 -22.66 -3.47 -30.03
CA GLY B 433 -21.41 -3.63 -30.79
C GLY B 433 -20.33 -2.66 -30.32
N PRO B 434 -19.06 -2.89 -30.73
CA PRO B 434 -17.97 -2.01 -30.32
C PRO B 434 -17.82 -0.72 -31.11
N ASP B 435 -17.43 0.37 -30.46
CA ASP B 435 -17.22 1.65 -31.19
C ASP B 435 -16.18 1.46 -32.30
N MET B 436 -15.16 0.64 -32.08
CA MET B 436 -14.06 0.49 -33.06
C MET B 436 -13.65 -0.98 -33.12
N PHE B 437 -13.19 -1.43 -34.29
CA PHE B 437 -12.84 -2.86 -34.57
C PHE B 437 -11.54 -2.95 -35.40
N LEU B 438 -10.53 -3.66 -34.90
CA LEU B 438 -9.30 -3.97 -35.67
C LEU B 438 -9.58 -5.24 -36.49
N GLY B 439 -9.78 -5.10 -37.82
CA GLY B 439 -10.32 -6.17 -38.69
C GLY B 439 -9.24 -6.91 -39.46
N THR B 440 -7.97 -6.60 -39.26
CA THR B 440 -6.91 -7.35 -40.00
C THR B 440 -5.90 -8.04 -39.08
N CYS B 441 -5.95 -9.35 -39.06
CA CYS B 441 -5.06 -10.23 -38.27
C CYS B 441 -3.73 -10.38 -39.00
N ARG B 442 -2.65 -9.86 -38.44
CA ARG B 442 -1.26 -9.90 -38.98
C ARG B 442 -0.51 -11.17 -38.53
N ARG B 443 -1.01 -11.91 -37.55
CA ARG B 443 -0.26 -13.01 -36.90
C ARG B 443 -0.48 -14.33 -37.64
N CYS B 444 -1.72 -14.70 -37.93
CA CYS B 444 -2.09 -16.12 -38.14
C CYS B 444 -2.16 -16.45 -39.63
N PRO B 445 -1.82 -17.71 -40.00
CA PRO B 445 -2.16 -18.24 -41.31
C PRO B 445 -3.64 -18.00 -41.62
N ALA B 446 -4.01 -17.89 -42.89
CA ALA B 446 -5.40 -17.53 -43.27
C ALA B 446 -6.35 -18.63 -42.77
N GLU B 447 -5.92 -19.89 -42.71
CA GLU B 447 -6.82 -21.03 -42.36
C GLU B 447 -7.37 -20.78 -40.95
N ILE B 448 -6.53 -20.22 -40.06
CA ILE B 448 -6.89 -19.95 -38.64
C ILE B 448 -7.77 -18.70 -38.62
N VAL B 449 -7.38 -17.66 -39.37
CA VAL B 449 -8.16 -16.39 -39.42
C VAL B 449 -9.56 -16.71 -39.95
N ASP B 450 -9.64 -17.51 -41.01
CA ASP B 450 -10.94 -17.82 -41.64
C ASP B 450 -11.77 -18.55 -40.59
N THR B 451 -11.13 -19.41 -39.80
CA THR B 451 -11.83 -20.30 -38.84
C THR B 451 -12.44 -19.41 -37.76
N VAL B 452 -11.67 -18.49 -37.19
CA VAL B 452 -12.16 -17.74 -35.99
C VAL B 452 -13.04 -16.59 -36.47
N SER B 453 -12.82 -16.10 -37.68
CA SER B 453 -13.70 -15.06 -38.28
C SER B 453 -15.14 -15.58 -38.24
N ALA B 454 -15.39 -16.74 -38.85
CA ALA B 454 -16.70 -17.43 -38.82
C ALA B 454 -17.11 -17.69 -37.37
N LEU B 455 -16.20 -18.23 -36.56
CA LEU B 455 -16.60 -18.83 -35.26
C LEU B 455 -17.07 -17.74 -34.29
N VAL B 456 -16.42 -16.58 -34.27
CA VAL B 456 -16.69 -15.59 -33.19
C VAL B 456 -16.69 -14.13 -33.68
N TYR B 457 -16.48 -13.82 -34.96
CA TYR B 457 -16.34 -12.42 -35.43
C TYR B 457 -17.27 -12.10 -36.61
N ASP B 458 -18.43 -12.76 -36.73
CA ASP B 458 -19.43 -12.49 -37.81
C ASP B 458 -18.73 -12.23 -39.14
N ASN B 459 -17.70 -13.02 -39.46
CA ASN B 459 -16.97 -13.04 -40.74
C ASN B 459 -16.36 -11.67 -41.04
N LYS B 460 -16.00 -10.91 -40.00
CA LYS B 460 -15.45 -9.53 -40.16
C LYS B 460 -13.95 -9.52 -39.92
N LEU B 461 -13.34 -10.62 -39.49
CA LEU B 461 -11.86 -10.61 -39.27
C LEU B 461 -11.21 -11.06 -40.57
N LYS B 462 -10.25 -10.30 -41.07
CA LYS B 462 -9.57 -10.54 -42.39
C LYS B 462 -8.12 -10.99 -42.15
N ALA B 463 -7.62 -11.91 -42.98
CA ALA B 463 -6.24 -12.47 -42.91
C ALA B 463 -5.30 -11.51 -43.60
N HIS B 464 -4.26 -11.01 -42.93
CA HIS B 464 -3.11 -10.38 -43.60
C HIS B 464 -2.22 -11.45 -44.27
N LYS B 465 -1.85 -12.51 -43.58
CA LYS B 465 -1.00 -13.57 -44.15
C LYS B 465 -1.82 -14.39 -45.13
N ASP B 466 -1.15 -15.14 -46.01
CA ASP B 466 -1.77 -16.17 -46.86
C ASP B 466 -2.03 -17.45 -46.04
N LYS B 467 -2.69 -18.41 -46.64
CA LYS B 467 -2.72 -19.80 -46.13
C LYS B 467 -1.25 -20.25 -45.97
N SER B 468 -0.94 -20.92 -44.86
CA SER B 468 0.41 -21.46 -44.55
C SER B 468 0.54 -22.87 -45.13
N ALA B 469 -0.57 -23.55 -45.34
CA ALA B 469 -0.67 -24.99 -45.65
C ALA B 469 -0.03 -25.82 -44.53
N GLN B 470 0.05 -25.26 -43.33
CA GLN B 470 0.67 -25.96 -42.19
C GLN B 470 -0.33 -26.01 -41.02
N CYS B 471 -1.63 -26.07 -41.34
CA CYS B 471 -2.73 -26.10 -40.36
C CYS B 471 -3.44 -27.44 -40.55
N PHE B 472 -3.38 -28.30 -39.53
CA PHE B 472 -3.88 -29.69 -39.58
C PHE B 472 -4.84 -29.96 -38.40
N LYS B 473 -5.77 -30.86 -38.61
CA LYS B 473 -6.74 -31.31 -37.58
C LYS B 473 -6.86 -32.83 -37.69
N MET B 474 -6.91 -33.49 -36.53
N MET B 474 -6.93 -33.48 -36.53
CA MET B 474 -7.22 -34.94 -36.45
CA MET B 474 -7.18 -34.93 -36.38
C MET B 474 -8.34 -35.13 -35.45
C MET B 474 -8.36 -35.12 -35.44
N PHE B 475 -9.27 -36.04 -35.76
CA PHE B 475 -10.37 -36.44 -34.86
C PHE B 475 -9.89 -37.69 -34.15
N TYR B 476 -9.63 -37.54 -32.85
CA TYR B 476 -9.15 -38.65 -31.99
C TYR B 476 -9.62 -38.42 -30.55
N LYS B 477 -10.62 -39.20 -30.11
CA LYS B 477 -11.20 -39.08 -28.74
C LYS B 477 -10.24 -39.67 -27.71
N GLY B 478 -9.59 -40.78 -28.05
CA GLY B 478 -8.52 -41.34 -27.21
C GLY B 478 -9.06 -41.91 -25.92
N VAL B 479 -8.45 -41.59 -24.77
CA VAL B 479 -8.84 -42.15 -23.46
C VAL B 479 -8.68 -41.04 -22.43
N ILE B 480 -9.77 -40.64 -21.79
CA ILE B 480 -9.69 -39.56 -20.77
C ILE B 480 -9.56 -40.21 -19.38
N THR B 481 -8.54 -39.80 -18.65
CA THR B 481 -8.32 -40.14 -17.24
C THR B 481 -8.44 -38.84 -16.48
N HIS B 482 -8.87 -38.91 -15.22
CA HIS B 482 -9.12 -37.73 -14.37
C HIS B 482 -8.23 -37.88 -13.13
N ASP B 483 -7.55 -36.81 -12.76
CA ASP B 483 -6.93 -36.72 -11.42
C ASP B 483 -7.81 -35.75 -10.61
N VAL B 484 -7.29 -35.22 -9.49
CA VAL B 484 -8.10 -34.52 -8.44
C VAL B 484 -8.91 -33.38 -9.07
N SER B 485 -8.37 -32.65 -10.05
CA SER B 485 -8.98 -31.39 -10.56
C SER B 485 -8.55 -31.08 -12.00
N SER B 486 -8.23 -32.08 -12.83
CA SER B 486 -7.71 -31.87 -14.21
C SER B 486 -7.97 -33.14 -15.04
N ALA B 487 -7.70 -33.10 -16.36
CA ALA B 487 -7.85 -34.25 -17.28
C ALA B 487 -6.55 -34.51 -18.05
N ILE B 488 -6.40 -35.76 -18.47
CA ILE B 488 -5.20 -36.28 -19.18
C ILE B 488 -5.75 -37.14 -20.30
N ASN B 489 -5.16 -37.00 -21.49
CA ASN B 489 -5.49 -37.86 -22.65
C ASN B 489 -4.17 -38.36 -23.25
N ARG B 490 -3.63 -39.43 -22.67
CA ARG B 490 -2.31 -40.00 -23.05
C ARG B 490 -2.35 -40.42 -24.51
N PRO B 491 -3.39 -41.09 -25.02
CA PRO B 491 -3.42 -41.41 -26.44
C PRO B 491 -3.36 -40.20 -27.39
N GLN B 492 -3.91 -39.03 -27.03
CA GLN B 492 -3.81 -37.80 -27.87
C GLN B 492 -2.36 -37.31 -27.87
N ILE B 493 -1.66 -37.48 -26.74
CA ILE B 493 -0.22 -37.15 -26.63
C ILE B 493 0.59 -38.18 -27.44
N GLY B 494 0.28 -39.47 -27.33
CA GLY B 494 0.88 -40.50 -28.22
C GLY B 494 0.74 -40.11 -29.69
N VAL B 495 -0.43 -39.67 -30.11
CA VAL B 495 -0.71 -39.31 -31.53
C VAL B 495 0.26 -38.16 -31.92
N VAL B 496 0.47 -37.22 -31.01
CA VAL B 496 1.38 -36.06 -31.23
C VAL B 496 2.80 -36.61 -31.33
N ARG B 497 3.16 -37.57 -30.49
CA ARG B 497 4.53 -38.17 -30.43
C ARG B 497 4.84 -38.77 -31.80
N GLU B 498 3.88 -39.52 -32.38
CA GLU B 498 4.03 -40.21 -33.68
C GLU B 498 4.10 -39.17 -34.80
N PHE B 499 3.32 -38.09 -34.72
CA PHE B 499 3.35 -36.97 -35.69
C PHE B 499 4.72 -36.31 -35.66
N LEU B 500 5.34 -36.13 -34.49
CA LEU B 500 6.63 -35.41 -34.39
C LEU B 500 7.74 -36.28 -35.01
N THR B 501 7.69 -37.62 -34.85
CA THR B 501 8.72 -38.53 -35.41
C THR B 501 8.67 -38.44 -36.93
N ARG B 502 7.48 -38.19 -37.49
CA ARG B 502 7.24 -37.98 -38.93
C ARG B 502 7.41 -36.50 -39.37
N ASN B 503 7.61 -35.53 -38.48
CA ASN B 503 7.51 -34.07 -38.78
C ASN B 503 8.42 -33.30 -37.82
N PRO B 504 9.72 -33.65 -37.77
CA PRO B 504 10.64 -33.06 -36.81
C PRO B 504 10.77 -31.53 -36.78
N ALA B 505 10.38 -30.78 -37.81
CA ALA B 505 10.38 -29.29 -37.72
C ALA B 505 9.47 -28.88 -36.54
N TRP B 506 8.39 -29.64 -36.36
CA TRP B 506 7.33 -29.35 -35.35
C TRP B 506 7.84 -29.56 -33.93
N ARG B 507 9.11 -29.93 -33.76
CA ARG B 507 9.77 -30.05 -32.44
C ARG B 507 10.04 -28.64 -31.92
N LYS B 508 9.90 -27.62 -32.74
CA LYS B 508 10.01 -26.22 -32.20
C LYS B 508 8.63 -25.74 -31.68
N ALA B 509 7.57 -26.56 -31.78
CA ALA B 509 6.20 -26.18 -31.42
C ALA B 509 6.03 -25.95 -29.91
N VAL B 510 5.10 -25.07 -29.55
CA VAL B 510 4.55 -24.98 -28.18
C VAL B 510 3.39 -25.97 -28.07
N PHE B 511 3.30 -26.65 -26.93
CA PHE B 511 2.19 -27.59 -26.66
C PHE B 511 1.12 -26.85 -25.86
N ILE B 512 -0.12 -26.93 -26.33
CA ILE B 512 -1.23 -26.24 -25.63
C ILE B 512 -2.37 -27.23 -25.48
N SER B 513 -2.99 -27.21 -24.31
CA SER B 513 -4.21 -27.98 -23.99
C SER B 513 -5.03 -27.22 -22.96
N PRO B 514 -6.31 -27.55 -22.79
CA PRO B 514 -7.13 -26.87 -21.79
C PRO B 514 -6.87 -27.30 -20.35
N TYR B 515 -5.88 -28.15 -20.08
CA TYR B 515 -5.66 -28.79 -18.75
C TYR B 515 -4.18 -28.84 -18.36
N ASN B 516 -3.82 -28.28 -17.21
CA ASN B 516 -2.44 -28.30 -16.64
C ASN B 516 -1.93 -29.75 -16.48
N SER B 517 -2.75 -30.70 -16.04
CA SER B 517 -2.31 -32.12 -15.94
C SER B 517 -1.92 -32.66 -17.32
N GLN B 518 -2.79 -32.56 -18.32
CA GLN B 518 -2.45 -32.96 -19.72
C GLN B 518 -1.08 -32.38 -20.08
N ASN B 519 -0.91 -31.09 -19.86
CA ASN B 519 0.33 -30.35 -20.15
C ASN B 519 1.51 -31.04 -19.44
N ALA B 520 1.35 -31.48 -18.19
CA ALA B 520 2.46 -31.95 -17.33
C ALA B 520 2.99 -33.25 -17.90
N VAL B 521 2.05 -34.09 -18.35
CA VAL B 521 2.34 -35.41 -18.98
C VAL B 521 3.03 -35.16 -20.31
N ALA B 522 2.50 -34.25 -21.15
CA ALA B 522 3.01 -33.93 -22.51
C ALA B 522 4.45 -33.41 -22.39
N SER B 523 4.74 -32.65 -21.35
CA SER B 523 6.08 -32.06 -21.14
C SER B 523 7.10 -33.18 -20.99
N LYS B 524 6.80 -34.13 -20.11
CA LYS B 524 7.61 -35.34 -19.86
C LYS B 524 7.74 -36.11 -21.18
N ILE B 525 6.64 -36.44 -21.86
CA ILE B 525 6.64 -37.41 -23.00
C ILE B 525 7.21 -36.78 -24.29
N LEU B 526 6.93 -35.49 -24.56
CA LEU B 526 7.25 -34.78 -25.82
C LEU B 526 8.43 -33.84 -25.58
N GLY B 527 8.52 -33.25 -24.40
CA GLY B 527 9.58 -32.26 -24.14
C GLY B 527 9.34 -30.94 -24.85
N LEU B 528 8.15 -30.70 -25.40
CA LEU B 528 7.80 -29.35 -25.89
C LEU B 528 7.57 -28.42 -24.71
N PRO B 529 7.77 -27.10 -24.88
CA PRO B 529 7.24 -26.12 -23.92
C PRO B 529 5.71 -26.23 -23.94
N THR B 530 5.09 -26.08 -22.77
CA THR B 530 3.62 -26.21 -22.58
C THR B 530 3.04 -24.91 -21.99
N GLN B 531 1.78 -24.65 -22.33
CA GLN B 531 0.91 -23.54 -21.86
C GLN B 531 -0.52 -24.08 -21.77
N THR B 532 -1.28 -23.63 -20.79
CA THR B 532 -2.76 -23.81 -20.81
C THR B 532 -3.26 -22.70 -21.72
N VAL B 533 -4.31 -22.96 -22.49
CA VAL B 533 -4.93 -21.92 -23.35
C VAL B 533 -4.97 -20.62 -22.54
N ASP B 534 -5.33 -20.72 -21.26
CA ASP B 534 -5.56 -19.56 -20.37
C ASP B 534 -4.21 -18.83 -20.17
N SER B 535 -3.09 -19.53 -20.02
CA SER B 535 -1.76 -18.88 -19.81
C SER B 535 -1.16 -18.41 -21.14
N SER B 536 -1.67 -18.92 -22.26
CA SER B 536 -1.22 -18.60 -23.65
C SER B 536 -1.82 -17.28 -24.15
N GLN B 537 -2.98 -16.83 -23.63
CA GLN B 537 -3.64 -15.54 -23.99
C GLN B 537 -2.55 -14.45 -23.98
N GLY B 538 -2.41 -13.72 -25.09
CA GLY B 538 -1.45 -12.60 -25.20
C GLY B 538 -0.10 -12.99 -25.77
N SER B 539 0.20 -14.28 -25.92
CA SER B 539 1.48 -14.81 -26.42
C SER B 539 1.30 -15.33 -27.84
N GLU B 540 2.36 -15.34 -28.63
CA GLU B 540 2.30 -15.98 -29.97
C GLU B 540 3.51 -16.91 -30.12
N TYR B 541 3.36 -17.92 -30.97
CA TYR B 541 4.39 -18.95 -31.24
C TYR B 541 4.24 -19.36 -32.71
N ASP B 542 5.35 -19.71 -33.40
CA ASP B 542 5.31 -20.09 -34.84
C ASP B 542 4.46 -21.34 -35.00
N TYR B 543 4.71 -22.33 -34.15
CA TYR B 543 4.05 -23.66 -34.24
C TYR B 543 3.41 -23.98 -32.89
N VAL B 544 2.18 -24.45 -32.96
CA VAL B 544 1.33 -24.78 -31.79
C VAL B 544 0.81 -26.18 -32.07
N ILE B 545 0.96 -27.08 -31.11
CA ILE B 545 0.25 -28.39 -31.10
C ILE B 545 -0.77 -28.34 -29.96
N PHE B 546 -2.06 -28.49 -30.28
CA PHE B 546 -3.20 -28.40 -29.32
C PHE B 546 -3.86 -29.76 -29.29
N THR B 547 -3.90 -30.39 -28.11
CA THR B 547 -4.78 -31.55 -27.81
C THR B 547 -6.00 -31.06 -27.01
N GLN B 548 -7.20 -31.25 -27.55
CA GLN B 548 -8.42 -30.81 -26.83
C GLN B 548 -8.56 -31.58 -25.50
N THR B 549 -8.05 -32.81 -25.43
CA THR B 549 -8.03 -33.66 -24.19
C THR B 549 -9.43 -34.23 -23.93
N THR B 550 -10.40 -33.38 -23.63
CA THR B 550 -11.79 -33.79 -23.31
C THR B 550 -12.75 -33.16 -24.33
N GLU B 551 -13.97 -33.70 -24.40
CA GLU B 551 -15.12 -33.01 -25.01
C GLU B 551 -16.03 -32.53 -23.89
N THR B 552 -15.66 -31.44 -23.23
CA THR B 552 -16.38 -30.85 -22.08
C THR B 552 -16.77 -29.40 -22.40
N ALA B 553 -17.67 -28.83 -21.61
CA ALA B 553 -18.01 -27.40 -21.67
C ALA B 553 -16.72 -26.58 -21.62
N HIS B 554 -15.79 -26.95 -20.73
CA HIS B 554 -14.52 -26.19 -20.52
C HIS B 554 -13.67 -26.24 -21.79
N SER B 555 -13.48 -27.42 -22.37
CA SER B 555 -12.54 -27.63 -23.50
C SER B 555 -13.20 -27.20 -24.82
N CYS B 556 -14.53 -27.06 -24.86
CA CYS B 556 -15.30 -26.61 -26.05
C CYS B 556 -15.68 -25.12 -25.96
N ASN B 557 -15.37 -24.45 -24.86
CA ASN B 557 -15.72 -23.02 -24.77
C ASN B 557 -15.14 -22.32 -26.01
N VAL B 558 -16.00 -21.69 -26.83
CA VAL B 558 -15.55 -21.09 -28.12
C VAL B 558 -14.51 -20.00 -27.84
N ASN B 559 -14.64 -19.21 -26.77
CA ASN B 559 -13.60 -18.18 -26.48
C ASN B 559 -12.24 -18.84 -26.26
N ARG B 560 -12.21 -19.99 -25.58
CA ARG B 560 -10.97 -20.67 -25.20
C ARG B 560 -10.37 -21.22 -26.49
N PHE B 561 -11.22 -21.79 -27.33
CA PHE B 561 -10.80 -22.41 -28.60
C PHE B 561 -10.18 -21.33 -29.49
N ASN B 562 -10.90 -20.21 -29.61
CA ASN B 562 -10.50 -18.98 -30.33
C ASN B 562 -9.08 -18.60 -29.91
N VAL B 563 -8.82 -18.51 -28.60
CA VAL B 563 -7.47 -18.16 -28.08
C VAL B 563 -6.47 -19.28 -28.39
N ALA B 564 -6.89 -20.54 -28.33
CA ALA B 564 -5.92 -21.67 -28.38
C ALA B 564 -5.23 -21.60 -29.75
N ILE B 565 -6.03 -21.50 -30.82
CA ILE B 565 -5.59 -21.68 -32.21
C ILE B 565 -5.00 -20.38 -32.79
N THR B 566 -5.31 -19.19 -32.27
CA THR B 566 -4.79 -17.88 -32.75
C THR B 566 -3.44 -17.60 -32.07
N ARG B 567 -2.83 -18.61 -31.45
CA ARG B 567 -1.50 -18.43 -30.82
C ARG B 567 -0.42 -18.59 -31.90
N ALA B 568 -0.76 -19.26 -33.02
CA ALA B 568 0.15 -19.76 -34.09
C ALA B 568 0.42 -18.68 -35.14
N LYS B 569 1.69 -18.41 -35.46
CA LYS B 569 2.13 -17.52 -36.57
C LYS B 569 2.21 -18.30 -37.89
N VAL B 570 2.56 -19.59 -37.87
CA VAL B 570 2.89 -20.35 -39.11
C VAL B 570 2.01 -21.59 -39.25
N GLY B 571 2.10 -22.51 -38.30
CA GLY B 571 1.37 -23.79 -38.35
C GLY B 571 0.79 -24.15 -37.01
N ILE B 572 -0.23 -25.00 -37.05
CA ILE B 572 -0.94 -25.58 -35.88
C ILE B 572 -1.37 -27.00 -36.24
N LEU B 573 -1.23 -27.90 -35.26
CA LEU B 573 -1.86 -29.24 -35.26
C LEU B 573 -2.96 -29.24 -34.20
N CYS B 574 -4.21 -29.54 -34.53
CA CYS B 574 -5.29 -29.67 -33.51
C CYS B 574 -5.72 -31.13 -33.44
N ILE B 575 -5.45 -31.81 -32.31
CA ILE B 575 -6.02 -33.16 -32.05
C ILE B 575 -7.31 -32.92 -31.29
N MET B 576 -8.46 -33.14 -31.94
CA MET B 576 -9.79 -32.72 -31.42
C MET B 576 -10.54 -33.92 -30.86
N SER B 577 -11.29 -33.64 -29.79
CA SER B 577 -12.27 -34.55 -29.15
C SER B 577 -13.68 -34.24 -29.64
N ASP B 578 -13.94 -32.95 -29.90
CA ASP B 578 -15.29 -32.42 -30.21
C ASP B 578 -15.49 -32.45 -31.71
N ARG B 579 -16.48 -33.19 -32.21
CA ARG B 579 -16.85 -33.25 -33.65
C ARG B 579 -17.29 -31.87 -34.13
N ASP B 580 -18.04 -31.14 -33.31
CA ASP B 580 -18.53 -29.77 -33.61
C ASP B 580 -17.33 -28.89 -33.99
N LEU B 581 -16.46 -28.52 -33.04
CA LEU B 581 -15.30 -27.62 -33.29
C LEU B 581 -14.38 -28.26 -34.35
N TYR B 582 -14.24 -29.58 -34.42
CA TYR B 582 -13.38 -30.21 -35.43
C TYR B 582 -13.88 -29.80 -36.82
N ASP B 583 -15.18 -29.90 -37.05
CA ASP B 583 -15.86 -29.66 -38.35
C ASP B 583 -15.78 -28.16 -38.68
N LYS B 584 -15.63 -27.29 -37.68
CA LYS B 584 -15.51 -25.82 -37.87
C LYS B 584 -14.07 -25.41 -38.17
N LEU B 585 -13.08 -26.26 -37.87
CA LEU B 585 -11.65 -25.98 -38.20
C LEU B 585 -11.46 -26.10 -39.72
N GLN B 586 -11.06 -25.00 -40.37
CA GLN B 586 -10.81 -24.94 -41.83
C GLN B 586 -9.34 -25.31 -42.03
N PHE B 587 -9.01 -26.57 -41.75
CA PHE B 587 -7.64 -27.11 -41.67
C PHE B 587 -7.64 -28.37 -42.50
N THR B 588 -6.47 -28.77 -42.97
CA THR B 588 -6.28 -30.06 -43.65
C THR B 588 -6.50 -31.18 -42.63
N SER B 589 -7.37 -32.13 -42.92
CA SER B 589 -7.64 -33.29 -42.04
C SER B 589 -6.54 -34.34 -42.22
N LEU B 590 -6.08 -34.95 -41.13
CA LEU B 590 -5.02 -36.01 -41.11
C LEU B 590 -5.67 -37.33 -40.67
N GLU B 591 -5.29 -38.45 -41.29
CA GLU B 591 -5.71 -39.82 -40.87
C GLU B 591 -4.98 -40.16 -39.58
N ILE B 592 -5.51 -41.13 -38.82
CA ILE B 592 -4.92 -41.65 -37.54
C ILE B 592 -4.07 -42.87 -37.85
N PRO B 593 -2.76 -42.89 -37.48
CA PRO B 593 -1.95 -44.11 -37.63
C PRO B 593 -2.35 -45.26 -36.68
ZN ZN C . 26.59 30.04 -26.17
ZN ZN D . 17.79 26.06 -6.41
ZN ZN E . 7.06 33.10 -6.52
P PO4 F . 1.18 7.94 30.04
O1 PO4 F . 2.64 7.53 30.13
O2 PO4 F . 1.09 9.46 30.01
O3 PO4 F . 0.40 7.49 31.28
O4 PO4 F . 0.57 7.25 28.81
P PO4 G . 6.10 8.29 28.46
O1 PO4 G . 6.66 7.98 29.83
O2 PO4 G . 5.45 9.64 28.54
O3 PO4 G . 7.25 8.30 27.42
O4 PO4 G . 5.09 7.24 28.07
N1 H04 H . -22.71 -28.42 -23.11
C4 H04 H . -19.78 -28.98 -25.17
C5 H04 H . -19.19 -30.01 -24.46
C6 H04 H . -19.75 -30.49 -23.30
C7 H04 H . -20.95 -29.97 -22.84
C8 H04 H . -21.55 -28.94 -23.54
C10 H04 H . -25.17 -28.33 -22.82
C1 H04 H . -21.78 -25.29 -26.36
C2 H04 H . -20.88 -26.46 -26.10
O1 H04 H . -21.64 -27.46 -25.39
C3 H04 H . -20.98 -28.44 -24.73
C9 H04 H . -23.95 -29.21 -22.98
N2 H04 H . -25.05 -27.43 -21.67
C11 H04 H . -23.66 -27.04 -21.38
C12 H04 H . -22.82 -27.04 -22.64
ZN ZN I . -29.21 -8.91 4.01
ZN ZN J . -34.12 2.12 0.45
ZN ZN K . -34.21 -10.85 25.27
P PO4 L . -2.26 -7.40 -30.51
O1 PO4 L . -1.75 -6.51 -29.38
O2 PO4 L . -2.22 -8.92 -30.17
O3 PO4 L . -1.41 -7.11 -31.74
O4 PO4 L . -3.68 -7.07 -30.83
P PO4 M . -4.14 -11.53 -28.32
O1 PO4 M . -3.02 -10.73 -27.68
O2 PO4 M . -4.60 -12.71 -27.45
O3 PO4 M . -3.67 -12.11 -29.64
O4 PO4 M . -5.30 -10.57 -28.49
#